data_1D1A
#
_entry.id   1D1A
#
_cell.length_a   103.730
_cell.length_b   180.001
_cell.length_c   54.020
_cell.angle_alpha   90.00
_cell.angle_beta   90.00
_cell.angle_gamma   90.00
#
_symmetry.space_group_name_H-M   'P 21 21 2'
#
loop_
_entity.id
_entity.type
_entity.pdbx_description
1 polymer MYOSIN
2 non-polymer 'MAGNESIUM ION'
3 non-polymer 'O,P-DINITROPHENYL AMINOETHYLDIPHOSPHATE-BERYLLIUM TRIFLUORIDE'
4 water water
#
_entity_poly.entity_id   1
_entity_poly.type   'polypeptide(L)'
_entity_poly.pdbx_seq_one_letter_code
;MNPIHDRTSDYHKYLKVKQGDSDLFKLTVSDKRYIWYNPDPKERDSYECGEIVSETSDSFTFKTVDGQDRQVKKDDANQR
NPIKFDGVEDMSELSYLNEPAVFHNLRVRYNQDLIYTYSGLFLVAVNPFKRIPIYTQEMVDIFKGRRRNEVAPHIFAISD
VAYRSMLDDRQNQSLLITGESGAGKTENTKKVIQYLASVAGRNQANGSGVLEQQILQANPILEAFGNAKTTRNNNSSRFG
KFIEIQFNNAGFISGASIQSYLLEKSRVVFQSETERNYHIFYQLLAGATAEEKKALHLAGPESFNYLNQSGCVDIKGVSD
SEEFKITRQAMDIVGFSQEEQMSIFKIIAGILHLGNIKFEKGAGEGAVLKDKTALNAASTVFGVNPSVLEKALMEPRILA
GRDLVAQHLNVEKSSSSRDALVKALYGRLFLWLVKKINNVLCQERKAYFIGVLDISGFEIFKVNSFEQLCINYTNEKLQQ
FFNHHMFKLEQEEYLKEKINWTFIDFGLDSQATIDLIDGRQPPGILALLDEQSVFPNATDNTLITKLHSHFSKKNAKYEE
PRFSKTEFGVTHYAGQVMYEIQDWLEKNKDPLQQDLELCFKDSSDNVVTKLFNDPNIASRAKKGANFITVAAQYKEQLAS
LMATLETTNPHFVRCIIPNNKQLPAKLEDKVVLDQLRCNGVLEGIRITRKGFPNRIIYADFVKRYYLLAPNVPRDAEDSQ
KATDAVLKHLNIDPEQYRFGITKIFFRAGQLARIEEAREPN
;
_entity_poly.pdbx_strand_id   A
#
# COMPACT_ATOMS: atom_id res chain seq x y z
N ASN A 2 -3.87 -21.31 28.75
CA ASN A 2 -3.49 -20.49 27.59
C ASN A 2 -4.39 -20.72 26.39
N PRO A 3 -4.96 -19.61 25.97
CA PRO A 3 -5.89 -19.47 24.87
C PRO A 3 -5.71 -20.32 23.62
N ILE A 4 -4.47 -20.68 23.29
CA ILE A 4 -4.26 -21.47 22.08
C ILE A 4 -4.96 -22.81 22.13
N HIS A 5 -4.96 -23.34 23.34
CA HIS A 5 -5.55 -24.62 23.60
C HIS A 5 -6.96 -24.52 24.15
N ASP A 6 -7.27 -23.36 24.72
CA ASP A 6 -8.57 -23.03 25.29
C ASP A 6 -9.65 -22.60 24.29
N ARG A 7 -10.33 -23.56 23.66
CA ARG A 7 -11.39 -23.30 22.70
C ARG A 7 -12.42 -22.26 23.11
N THR A 8 -12.34 -21.81 24.34
CA THR A 8 -13.28 -20.81 24.79
C THR A 8 -12.74 -19.40 24.72
N SER A 9 -11.42 -19.28 24.56
CA SER A 9 -10.82 -17.96 24.49
C SER A 9 -11.26 -17.14 23.26
N ASP A 10 -11.09 -15.82 23.38
CA ASP A 10 -11.38 -14.89 22.30
C ASP A 10 -10.52 -15.20 21.09
N TYR A 11 -9.30 -15.74 21.35
CA TYR A 11 -8.35 -16.12 20.32
C TYR A 11 -9.01 -17.11 19.42
N HIS A 12 -9.66 -18.08 20.07
CA HIS A 12 -10.33 -19.11 19.33
C HIS A 12 -11.55 -18.52 18.64
N LYS A 13 -12.22 -17.67 19.41
CA LYS A 13 -13.41 -16.99 18.96
C LYS A 13 -13.26 -16.20 17.67
N TYR A 14 -12.34 -15.26 17.80
CA TYR A 14 -12.03 -14.30 16.76
C TYR A 14 -10.99 -14.60 15.70
N LEU A 15 -10.13 -15.64 15.91
CA LEU A 15 -9.04 -15.94 14.99
C LEU A 15 -9.05 -17.31 14.33
N LYS A 16 -9.83 -18.22 14.90
CA LYS A 16 -9.89 -19.58 14.36
C LYS A 16 -11.27 -19.98 13.86
N VAL A 17 -11.30 -21.00 12.99
CA VAL A 17 -12.53 -21.60 12.50
C VAL A 17 -12.88 -22.57 13.62
N LYS A 18 -14.08 -22.41 14.24
CA LYS A 18 -14.53 -23.24 15.34
C LYS A 18 -14.58 -24.73 15.03
N GLN A 19 -14.11 -25.53 16.01
CA GLN A 19 -14.10 -26.99 15.94
C GLN A 19 -15.00 -27.67 16.97
N GLY A 20 -15.46 -28.88 16.60
CA GLY A 20 -16.29 -29.76 17.41
C GLY A 20 -15.45 -31.00 17.74
N ASP A 21 -15.86 -31.83 18.73
CA ASP A 21 -15.08 -33.03 19.07
C ASP A 21 -15.07 -34.17 18.10
N SER A 22 -15.52 -33.84 16.90
CA SER A 22 -15.51 -34.79 15.84
C SER A 22 -14.25 -34.54 15.00
N ASP A 23 -13.68 -35.61 14.44
CA ASP A 23 -12.41 -35.56 13.67
C ASP A 23 -12.56 -36.18 12.27
N LEU A 24 -13.65 -36.87 12.12
CA LEU A 24 -14.00 -37.56 10.95
C LEU A 24 -13.81 -36.98 9.57
N PHE A 25 -13.07 -37.79 8.82
CA PHE A 25 -12.87 -37.58 7.41
C PHE A 25 -14.18 -38.15 6.88
N LYS A 26 -14.86 -38.80 7.85
CA LYS A 26 -16.19 -39.44 7.79
C LYS A 26 -17.32 -38.41 7.89
N LEU A 27 -17.31 -37.58 8.96
CA LEU A 27 -18.32 -36.55 9.14
C LEU A 27 -18.43 -35.76 7.84
N THR A 28 -17.25 -35.37 7.41
CA THR A 28 -17.07 -34.63 6.19
C THR A 28 -17.86 -35.31 5.09
N VAL A 29 -17.55 -36.59 4.85
CA VAL A 29 -18.19 -37.37 3.82
C VAL A 29 -19.58 -37.03 3.32
N SER A 30 -19.62 -37.18 1.99
CA SER A 30 -20.72 -36.99 1.03
C SER A 30 -20.49 -37.85 -0.23
N ASP A 31 -21.59 -38.31 -0.86
CA ASP A 31 -21.56 -39.19 -2.04
C ASP A 31 -21.32 -38.62 -3.45
N LYS A 32 -21.17 -37.28 -3.62
CA LYS A 32 -20.98 -36.68 -4.96
C LYS A 32 -19.76 -35.75 -5.23
N ARG A 33 -19.55 -35.26 -6.49
CA ARG A 33 -18.40 -34.41 -6.90
C ARG A 33 -18.74 -33.16 -7.77
N TYR A 34 -18.52 -31.92 -7.25
CA TYR A 34 -18.87 -30.66 -7.94
C TYR A 34 -17.86 -29.57 -8.49
N ILE A 35 -18.36 -28.45 -9.10
CA ILE A 35 -17.54 -27.36 -9.77
C ILE A 35 -17.97 -25.85 -9.71
N TRP A 36 -17.05 -24.94 -10.14
CA TRP A 36 -17.27 -23.45 -10.18
C TRP A 36 -17.59 -22.85 -11.55
N TYR A 37 -18.83 -22.39 -11.74
CA TYR A 37 -19.26 -21.84 -13.04
C TYR A 37 -19.86 -20.44 -12.92
N ASN A 38 -20.09 -19.78 -14.09
CA ASN A 38 -20.70 -18.43 -14.23
C ASN A 38 -22.08 -18.56 -14.87
N PRO A 39 -23.10 -18.13 -14.15
CA PRO A 39 -24.48 -18.16 -14.62
C PRO A 39 -24.75 -17.09 -15.68
N ASP A 40 -23.67 -16.46 -16.12
CA ASP A 40 -23.73 -15.42 -17.12
C ASP A 40 -22.31 -14.91 -17.35
N PRO A 41 -21.77 -15.31 -18.51
CA PRO A 41 -20.41 -15.05 -18.99
C PRO A 41 -20.11 -13.61 -19.23
N LYS A 42 -21.12 -12.80 -19.06
CA LYS A 42 -20.84 -11.41 -19.21
C LYS A 42 -20.12 -11.04 -17.93
N GLU A 43 -20.79 -11.20 -16.80
CA GLU A 43 -20.17 -10.96 -15.53
C GLU A 43 -19.49 -12.24 -15.08
N ARG A 44 -18.21 -12.30 -15.31
CA ARG A 44 -17.41 -13.48 -14.99
C ARG A 44 -16.95 -13.64 -13.54
N ASP A 45 -16.99 -12.61 -12.73
CA ASP A 45 -16.50 -12.79 -11.38
C ASP A 45 -17.56 -13.36 -10.50
N SER A 46 -18.68 -13.53 -11.16
CA SER A 46 -19.78 -14.13 -10.48
C SER A 46 -19.73 -15.58 -10.82
N TYR A 47 -20.15 -16.40 -9.87
CA TYR A 47 -20.12 -17.84 -10.06
C TYR A 47 -21.07 -18.53 -9.16
N GLU A 48 -21.46 -19.73 -9.57
CA GLU A 48 -22.29 -20.54 -8.72
C GLU A 48 -21.64 -21.90 -8.72
N CYS A 49 -22.00 -22.73 -7.74
CA CYS A 49 -21.43 -24.06 -7.67
C CYS A 49 -22.31 -25.05 -8.44
N GLY A 50 -21.77 -25.55 -9.54
CA GLY A 50 -22.51 -26.46 -10.38
C GLY A 50 -22.18 -27.91 -10.11
N GLU A 51 -23.11 -28.60 -9.49
CA GLU A 51 -22.89 -29.99 -9.21
C GLU A 51 -22.60 -30.74 -10.50
N ILE A 52 -21.45 -31.39 -10.58
CA ILE A 52 -21.16 -32.14 -11.76
C ILE A 52 -22.07 -33.33 -11.63
N VAL A 53 -22.72 -33.75 -12.73
CA VAL A 53 -23.65 -34.89 -12.70
C VAL A 53 -23.19 -36.01 -13.59
N SER A 54 -22.57 -35.62 -14.69
CA SER A 54 -22.08 -36.58 -15.63
C SER A 54 -20.72 -36.19 -16.11
N GLU A 55 -19.93 -37.21 -16.30
CA GLU A 55 -18.61 -36.92 -16.77
C GLU A 55 -18.33 -37.56 -18.10
N THR A 56 -17.32 -37.05 -18.78
CA THR A 56 -16.97 -37.66 -20.04
C THR A 56 -15.56 -38.21 -20.05
N SER A 57 -14.71 -37.60 -20.84
CA SER A 57 -13.33 -37.99 -20.95
C SER A 57 -12.51 -36.75 -21.28
N ASP A 58 -13.27 -35.83 -21.80
CA ASP A 58 -12.84 -34.56 -22.30
C ASP A 58 -13.28 -33.36 -21.47
N SER A 59 -14.60 -33.25 -21.31
CA SER A 59 -15.34 -32.19 -20.61
C SER A 59 -15.85 -32.52 -19.20
N PHE A 60 -17.19 -32.32 -19.06
CA PHE A 60 -17.98 -32.55 -17.85
C PHE A 60 -19.39 -31.91 -17.87
N THR A 61 -20.44 -32.69 -17.69
CA THR A 61 -21.73 -32.06 -17.66
C THR A 61 -21.99 -31.68 -16.21
N PHE A 62 -22.74 -30.62 -15.92
CA PHE A 62 -22.98 -30.25 -14.53
C PHE A 62 -24.33 -29.60 -14.34
N LYS A 63 -24.95 -29.72 -13.18
CA LYS A 63 -26.24 -29.09 -12.98
C LYS A 63 -26.10 -27.72 -12.34
N THR A 64 -26.88 -26.77 -12.86
CA THR A 64 -26.89 -25.38 -12.41
C THR A 64 -27.78 -25.10 -11.20
N VAL A 65 -27.59 -23.94 -10.56
CA VAL A 65 -28.38 -23.55 -9.38
C VAL A 65 -29.79 -23.25 -9.84
N ASP A 66 -29.80 -23.04 -11.14
CA ASP A 66 -30.96 -22.74 -11.92
C ASP A 66 -31.85 -23.95 -12.06
N GLY A 67 -31.20 -25.09 -12.08
CA GLY A 67 -31.83 -26.36 -12.23
C GLY A 67 -31.32 -26.93 -13.53
N GLN A 68 -31.04 -26.04 -14.43
CA GLN A 68 -30.52 -26.42 -15.72
C GLN A 68 -29.30 -27.32 -15.66
N ASP A 69 -28.78 -27.63 -16.86
CA ASP A 69 -27.62 -28.45 -17.08
C ASP A 69 -26.83 -28.01 -18.34
N ARG A 70 -25.49 -27.81 -18.19
CA ARG A 70 -24.55 -27.38 -19.24
C ARG A 70 -23.37 -28.34 -19.38
N GLN A 71 -22.33 -27.86 -20.06
CA GLN A 71 -21.14 -28.66 -20.29
C GLN A 71 -19.95 -27.75 -20.41
N VAL A 72 -18.84 -28.17 -19.79
CA VAL A 72 -17.58 -27.42 -19.78
C VAL A 72 -16.42 -28.30 -20.18
N LYS A 73 -15.31 -27.66 -20.53
CA LYS A 73 -14.15 -28.43 -20.90
C LYS A 73 -13.48 -28.83 -19.64
N LYS A 74 -12.86 -30.01 -19.68
CA LYS A 74 -12.17 -30.49 -18.51
C LYS A 74 -10.98 -29.59 -18.30
N ASP A 75 -10.46 -29.09 -19.41
CA ASP A 75 -9.33 -28.20 -19.27
C ASP A 75 -9.75 -26.74 -19.06
N ASP A 76 -11.05 -26.56 -18.80
CA ASP A 76 -11.65 -25.25 -18.57
C ASP A 76 -12.34 -25.17 -17.22
N ALA A 77 -12.31 -26.30 -16.53
CA ALA A 77 -12.95 -26.49 -15.25
C ALA A 77 -12.29 -25.85 -14.05
N ASN A 78 -13.19 -25.19 -13.31
CA ASN A 78 -12.88 -24.55 -12.06
C ASN A 78 -13.48 -25.44 -10.99
N GLN A 79 -12.75 -26.53 -10.78
CA GLN A 79 -13.11 -27.56 -9.83
C GLN A 79 -13.09 -27.09 -8.39
N ARG A 80 -14.23 -27.32 -7.72
CA ARG A 80 -14.40 -26.93 -6.33
C ARG A 80 -13.63 -27.86 -5.43
N ASN A 81 -12.87 -27.29 -4.51
CA ASN A 81 -12.13 -28.12 -3.59
C ASN A 81 -13.06 -28.85 -2.64
N PRO A 82 -12.51 -29.78 -1.91
CA PRO A 82 -13.34 -30.49 -0.96
C PRO A 82 -13.73 -29.60 0.23
N ILE A 83 -15.02 -29.69 0.62
CA ILE A 83 -15.58 -28.89 1.72
C ILE A 83 -14.74 -28.87 2.98
N LYS A 84 -13.97 -29.95 3.17
CA LYS A 84 -13.05 -30.04 4.28
C LYS A 84 -12.14 -28.83 4.27
N PHE A 85 -11.74 -28.41 3.06
CA PHE A 85 -10.85 -27.27 2.82
C PHE A 85 -11.46 -25.92 3.14
N ASP A 86 -12.79 -25.86 3.13
CA ASP A 86 -13.43 -24.60 3.41
C ASP A 86 -12.97 -23.91 4.71
N GLY A 87 -12.11 -22.92 4.54
CA GLY A 87 -11.63 -22.16 5.67
C GLY A 87 -10.16 -22.39 5.99
N VAL A 88 -9.44 -23.16 5.18
CA VAL A 88 -8.03 -23.38 5.49
C VAL A 88 -7.28 -22.07 5.68
N GLU A 89 -6.27 -22.12 6.53
CA GLU A 89 -5.50 -20.93 6.85
C GLU A 89 -4.49 -20.45 5.79
N ASP A 90 -4.10 -21.36 4.92
CA ASP A 90 -3.16 -21.05 3.86
C ASP A 90 -3.72 -21.62 2.58
N MET A 91 -3.96 -20.79 1.60
CA MET A 91 -4.51 -21.38 0.40
C MET A 91 -3.57 -22.34 -0.29
N SER A 92 -2.29 -22.29 0.10
CA SER A 92 -1.30 -23.18 -0.49
C SER A 92 -1.68 -24.63 -0.20
N GLU A 93 -2.65 -24.77 0.66
CA GLU A 93 -3.10 -26.06 1.04
C GLU A 93 -4.18 -26.61 0.11
N LEU A 94 -4.77 -25.76 -0.72
CA LEU A 94 -5.84 -26.18 -1.60
C LEU A 94 -5.38 -27.06 -2.75
N SER A 95 -6.20 -28.06 -3.14
CA SER A 95 -5.90 -28.98 -4.26
C SER A 95 -6.13 -28.28 -5.58
N TYR A 96 -7.37 -27.87 -5.82
CA TYR A 96 -7.74 -27.09 -7.00
C TYR A 96 -7.43 -25.62 -6.68
N LEU A 97 -6.60 -24.94 -7.49
CA LEU A 97 -6.20 -23.56 -7.21
C LEU A 97 -6.76 -22.44 -8.11
N ASN A 98 -7.97 -22.62 -8.61
CA ASN A 98 -8.61 -21.63 -9.44
C ASN A 98 -8.58 -20.23 -8.82
N GLU A 99 -9.54 -19.45 -9.29
CA GLU A 99 -9.79 -18.11 -8.86
C GLU A 99 -11.01 -18.13 -7.95
N PRO A 100 -12.11 -18.69 -8.43
CA PRO A 100 -13.28 -18.73 -7.56
C PRO A 100 -12.91 -19.58 -6.34
N ALA A 101 -12.03 -20.60 -6.53
CA ALA A 101 -11.58 -21.43 -5.43
C ALA A 101 -10.86 -20.57 -4.41
N VAL A 102 -10.05 -19.66 -4.90
CA VAL A 102 -9.35 -18.77 -4.00
C VAL A 102 -10.33 -17.79 -3.34
N PHE A 103 -11.20 -17.21 -4.12
CA PHE A 103 -12.14 -16.28 -3.56
C PHE A 103 -13.02 -16.94 -2.52
N HIS A 104 -13.46 -18.16 -2.85
CA HIS A 104 -14.30 -18.93 -1.97
C HIS A 104 -13.69 -19.09 -0.57
N ASN A 105 -12.47 -19.54 -0.51
CA ASN A 105 -11.84 -19.70 0.78
C ASN A 105 -11.72 -18.36 1.46
N LEU A 106 -11.43 -17.30 0.72
CA LEU A 106 -11.32 -15.99 1.36
C LEU A 106 -12.65 -15.56 1.97
N ARG A 107 -13.69 -15.91 1.23
CA ARG A 107 -15.06 -15.58 1.59
C ARG A 107 -15.58 -16.38 2.80
N VAL A 108 -15.42 -17.72 2.73
CA VAL A 108 -15.83 -18.57 3.81
C VAL A 108 -15.23 -18.01 5.09
N ARG A 109 -13.98 -17.55 5.03
CA ARG A 109 -13.30 -16.98 6.19
C ARG A 109 -13.86 -15.66 6.63
N TYR A 110 -14.16 -14.85 5.63
CA TYR A 110 -14.63 -13.53 5.83
C TYR A 110 -16.02 -13.51 6.46
N ASN A 111 -16.80 -14.51 6.10
CA ASN A 111 -18.16 -14.73 6.63
C ASN A 111 -18.08 -15.06 8.11
N GLN A 112 -16.91 -15.54 8.57
CA GLN A 112 -16.64 -15.88 9.95
C GLN A 112 -15.83 -14.79 10.61
N ASP A 113 -15.68 -13.70 9.88
CA ASP A 113 -14.92 -12.57 10.35
C ASP A 113 -13.43 -12.89 10.40
N LEU A 114 -13.01 -13.89 9.64
CA LEU A 114 -11.60 -14.25 9.61
C LEU A 114 -10.97 -13.51 8.43
N ILE A 115 -10.47 -12.30 8.76
CA ILE A 115 -9.90 -11.36 7.83
C ILE A 115 -8.50 -11.67 7.34
N TYR A 116 -7.78 -12.52 8.03
CA TYR A 116 -6.42 -12.83 7.60
C TYR A 116 -6.24 -14.24 7.10
N THR A 117 -5.57 -14.36 5.96
CA THR A 117 -5.36 -15.68 5.40
C THR A 117 -4.01 -15.72 4.71
N TYR A 118 -3.35 -16.86 4.72
CA TYR A 118 -2.09 -16.94 4.02
C TYR A 118 -2.35 -17.46 2.63
N SER A 119 -1.50 -17.04 1.77
CA SER A 119 -1.48 -17.54 0.42
C SER A 119 0.01 -17.71 0.11
N GLY A 120 0.54 -18.86 0.43
CA GLY A 120 1.97 -19.07 0.23
C GLY A 120 2.67 -17.98 0.98
N LEU A 121 3.47 -17.26 0.21
CA LEU A 121 4.25 -16.18 0.76
C LEU A 121 3.47 -15.04 1.31
N PHE A 122 2.26 -14.89 0.86
CA PHE A 122 1.53 -13.76 1.33
C PHE A 122 0.54 -14.00 2.44
N LEU A 123 0.40 -12.90 3.14
CA LEU A 123 -0.59 -12.72 4.16
C LEU A 123 -1.59 -11.78 3.50
N VAL A 124 -2.78 -12.31 3.33
CA VAL A 124 -3.88 -11.55 2.76
C VAL A 124 -4.75 -11.02 3.89
N ALA A 125 -5.09 -9.76 3.80
CA ALA A 125 -5.93 -9.17 4.83
C ALA A 125 -7.06 -8.38 4.20
N VAL A 126 -8.30 -8.77 4.48
CA VAL A 126 -9.49 -8.10 3.97
C VAL A 126 -10.13 -7.20 5.02
N ASN A 127 -10.25 -5.90 4.71
CA ASN A 127 -10.87 -4.94 5.63
C ASN A 127 -12.26 -5.42 5.97
N PRO A 128 -12.55 -5.50 7.27
CA PRO A 128 -13.83 -5.96 7.75
C PRO A 128 -14.84 -4.82 7.83
N PHE A 129 -14.33 -3.59 7.95
CA PHE A 129 -15.15 -2.42 8.04
C PHE A 129 -16.00 -2.50 9.24
N LYS A 130 -15.34 -2.83 10.31
CA LYS A 130 -15.94 -2.96 11.60
C LYS A 130 -14.87 -3.40 12.52
N ARG A 131 -15.04 -3.06 13.77
CA ARG A 131 -14.02 -3.40 14.72
C ARG A 131 -14.05 -4.86 15.16
N ILE A 132 -12.84 -5.41 15.20
CA ILE A 132 -12.60 -6.77 15.64
C ILE A 132 -11.51 -6.68 16.69
N PRO A 133 -11.80 -7.07 17.91
CA PRO A 133 -10.85 -6.94 18.99
C PRO A 133 -9.72 -7.96 19.00
N ILE A 134 -8.81 -7.95 18.02
CA ILE A 134 -7.76 -8.92 18.03
C ILE A 134 -6.38 -8.29 18.17
N TYR A 135 -6.34 -7.08 18.62
CA TYR A 135 -5.10 -6.39 18.72
C TYR A 135 -4.75 -5.95 20.13
N THR A 136 -5.27 -6.67 21.12
CA THR A 136 -5.01 -6.33 22.51
C THR A 136 -3.66 -6.84 22.95
N GLN A 137 -3.22 -6.33 24.08
CA GLN A 137 -1.98 -6.82 24.62
C GLN A 137 -2.06 -8.30 24.86
N GLU A 138 -3.25 -8.72 25.25
CA GLU A 138 -3.48 -10.13 25.49
C GLU A 138 -3.37 -10.89 24.20
N MET A 139 -3.76 -10.22 23.09
CA MET A 139 -3.64 -10.85 21.78
C MET A 139 -2.16 -10.83 21.37
N VAL A 140 -1.49 -9.72 21.70
CA VAL A 140 -0.06 -9.63 21.45
C VAL A 140 0.65 -10.83 22.08
N ASP A 141 0.48 -10.99 23.38
CA ASP A 141 1.11 -12.06 24.11
C ASP A 141 0.97 -13.42 23.51
N ILE A 142 -0.17 -13.71 22.96
CA ILE A 142 -0.29 -15.06 22.40
C ILE A 142 0.66 -15.42 21.24
N PHE A 143 0.98 -14.43 20.39
CA PHE A 143 1.81 -14.57 19.20
C PHE A 143 3.30 -14.82 19.48
N LYS A 144 3.73 -14.35 20.64
CA LYS A 144 5.10 -14.45 21.06
C LYS A 144 5.79 -15.78 20.87
N GLY A 145 6.72 -15.75 19.94
CA GLY A 145 7.56 -16.88 19.62
C GLY A 145 6.91 -17.99 18.89
N ARG A 146 5.72 -17.77 18.35
CA ARG A 146 5.11 -18.89 17.66
C ARG A 146 5.38 -18.89 16.18
N ARG A 147 5.55 -20.10 15.60
CA ARG A 147 5.76 -20.30 14.18
C ARG A 147 4.45 -20.02 13.46
N ARG A 148 4.52 -19.60 12.19
CA ARG A 148 3.34 -19.29 11.39
C ARG A 148 2.34 -20.41 11.35
N ASN A 149 2.90 -21.62 11.32
CA ASN A 149 2.19 -22.89 11.32
C ASN A 149 1.59 -23.15 12.68
N GLU A 150 2.07 -22.42 13.69
CA GLU A 150 1.60 -22.63 15.05
C GLU A 150 0.38 -21.84 15.44
N VAL A 151 0.26 -20.64 14.89
CA VAL A 151 -0.86 -19.80 15.22
C VAL A 151 -1.67 -19.48 13.98
N ALA A 152 -2.81 -18.89 14.24
CA ALA A 152 -3.77 -18.45 13.25
C ALA A 152 -3.13 -17.29 12.48
N PRO A 153 -3.58 -17.05 11.26
CA PRO A 153 -3.06 -15.94 10.47
C PRO A 153 -3.29 -14.62 11.16
N HIS A 154 -2.31 -13.72 11.12
CA HIS A 154 -2.49 -12.44 11.80
C HIS A 154 -1.29 -11.58 11.53
N ILE A 155 -1.49 -10.28 11.47
CA ILE A 155 -0.40 -9.36 11.29
C ILE A 155 0.72 -9.56 12.35
N PHE A 156 0.26 -9.82 13.57
CA PHE A 156 1.12 -10.05 14.70
C PHE A 156 1.98 -11.25 14.41
N ALA A 157 1.37 -12.19 13.73
CA ALA A 157 2.10 -13.36 13.41
C ALA A 157 3.25 -13.04 12.45
N ILE A 158 2.98 -12.36 11.35
CA ILE A 158 4.06 -12.05 10.42
C ILE A 158 5.13 -11.19 11.09
N SER A 159 4.70 -10.30 11.97
CA SER A 159 5.63 -9.48 12.70
C SER A 159 6.56 -10.31 13.60
N ASP A 160 6.01 -11.33 14.28
CA ASP A 160 6.84 -12.13 15.18
C ASP A 160 7.86 -12.94 14.40
N VAL A 161 7.41 -13.52 13.30
CA VAL A 161 8.26 -14.30 12.40
C VAL A 161 9.45 -13.47 11.88
N ALA A 162 9.15 -12.22 11.50
CA ALA A 162 10.16 -11.29 11.04
C ALA A 162 11.20 -11.05 12.14
N TYR A 163 10.72 -10.79 13.35
CA TYR A 163 11.56 -10.56 14.52
C TYR A 163 12.45 -11.72 14.92
N ARG A 164 11.95 -12.94 14.88
CA ARG A 164 12.75 -14.09 15.22
C ARG A 164 13.76 -14.38 14.12
N SER A 165 13.37 -14.09 12.91
CA SER A 165 14.26 -14.32 11.80
C SER A 165 15.45 -13.33 11.87
N MET A 166 15.14 -12.13 12.33
CA MET A 166 16.12 -11.09 12.48
C MET A 166 17.18 -11.58 13.45
N LEU A 167 16.70 -11.96 14.61
CA LEU A 167 17.52 -12.43 15.70
C LEU A 167 18.23 -13.71 15.37
N ASP A 168 17.51 -14.59 14.70
CA ASP A 168 18.03 -15.89 14.34
C ASP A 168 19.07 -15.85 13.24
N ASP A 169 18.75 -15.19 12.13
CA ASP A 169 19.61 -15.09 10.96
C ASP A 169 20.54 -13.91 10.97
N ARG A 170 20.35 -13.02 11.93
CA ARG A 170 21.16 -11.82 11.98
C ARG A 170 21.11 -11.14 10.64
N GLN A 171 19.88 -11.07 10.17
CA GLN A 171 19.57 -10.47 8.90
C GLN A 171 18.46 -9.45 9.01
N ASN A 172 18.60 -8.30 8.35
CA ASN A 172 17.56 -7.29 8.35
C ASN A 172 16.25 -7.77 7.69
N GLN A 173 15.13 -7.14 8.08
CA GLN A 173 13.90 -7.64 7.54
C GLN A 173 13.05 -6.56 6.99
N SER A 174 12.11 -6.99 6.15
CA SER A 174 11.16 -6.02 5.65
C SER A 174 9.74 -6.59 5.48
N LEU A 175 8.78 -5.71 5.71
CA LEU A 175 7.35 -6.00 5.53
C LEU A 175 6.77 -5.06 4.48
N LEU A 176 6.30 -5.61 3.39
CA LEU A 176 5.77 -4.78 2.32
C LEU A 176 4.26 -4.83 2.42
N ILE A 177 3.69 -3.67 2.79
CA ILE A 177 2.22 -3.61 2.98
C ILE A 177 1.61 -2.70 1.95
N THR A 178 1.02 -3.31 0.91
CA THR A 178 0.43 -2.51 -0.17
C THR A 178 -1.03 -2.90 -0.41
N GLY A 179 -1.69 -2.12 -1.27
CA GLY A 179 -3.08 -2.34 -1.63
C GLY A 179 -3.79 -1.00 -1.73
N GLU A 180 -5.09 -1.08 -2.11
CA GLU A 180 -5.95 0.08 -2.29
C GLU A 180 -6.19 0.92 -1.04
N SER A 181 -6.53 2.17 -1.33
CA SER A 181 -6.85 3.17 -0.35
C SER A 181 -7.99 2.64 0.48
N GLY A 182 -7.85 2.70 1.78
CA GLY A 182 -8.91 2.18 2.58
C GLY A 182 -8.81 0.68 2.76
N ALA A 183 -7.78 0.03 2.18
CA ALA A 183 -7.66 -1.43 2.34
C ALA A 183 -7.25 -1.87 3.76
N GLY A 184 -6.59 -0.99 4.54
CA GLY A 184 -6.12 -1.28 5.88
C GLY A 184 -4.59 -1.28 6.00
N LYS A 185 -3.90 -0.59 5.08
CA LYS A 185 -2.43 -0.55 5.08
C LYS A 185 -1.83 0.07 6.30
N THR A 186 -2.32 1.27 6.59
CA THR A 186 -1.85 2.05 7.69
C THR A 186 -2.26 1.39 8.99
N GLU A 187 -3.47 0.88 9.03
CA GLU A 187 -3.90 0.21 10.22
C GLU A 187 -2.90 -0.88 10.52
N ASN A 188 -2.76 -1.84 9.61
CA ASN A 188 -1.80 -2.94 9.78
C ASN A 188 -0.35 -2.56 10.14
N THR A 189 0.10 -1.44 9.61
CA THR A 189 1.43 -0.93 9.88
C THR A 189 1.58 -0.51 11.33
N LYS A 190 0.56 0.15 11.85
CA LYS A 190 0.58 0.59 13.21
C LYS A 190 0.64 -0.62 14.13
N LYS A 191 0.00 -1.70 13.71
CA LYS A 191 -0.01 -2.90 14.51
C LYS A 191 1.35 -3.55 14.49
N VAL A 192 2.02 -3.45 13.39
CA VAL A 192 3.33 -4.07 13.30
C VAL A 192 4.24 -3.42 14.33
N ILE A 193 4.21 -2.09 14.34
CA ILE A 193 5.03 -1.32 15.26
C ILE A 193 4.60 -1.57 16.70
N GLN A 194 3.28 -1.69 16.94
CA GLN A 194 2.74 -1.95 18.27
C GLN A 194 3.30 -3.26 18.77
N TYR A 195 3.21 -4.21 17.91
CA TYR A 195 3.72 -5.48 18.28
C TYR A 195 5.21 -5.46 18.54
N LEU A 196 5.95 -4.78 17.67
CA LEU A 196 7.39 -4.76 17.83
C LEU A 196 7.79 -4.08 19.12
N ALA A 197 7.11 -2.97 19.40
CA ALA A 197 7.37 -2.20 20.59
C ALA A 197 7.13 -3.03 21.85
N SER A 198 6.18 -3.93 21.78
CA SER A 198 5.85 -4.80 22.89
C SER A 198 6.90 -5.87 23.10
N VAL A 199 7.16 -6.66 22.06
CA VAL A 199 8.12 -7.74 22.17
C VAL A 199 9.58 -7.33 22.18
N ALA A 200 9.88 -6.03 22.08
CA ALA A 200 11.25 -5.62 22.00
C ALA A 200 11.57 -4.28 22.61
N GLY A 201 10.61 -3.64 23.26
CA GLY A 201 10.92 -2.32 23.81
C GLY A 201 11.37 -2.39 25.28
N ARG A 202 11.44 -1.19 25.89
CA ARG A 202 11.83 -0.97 27.28
C ARG A 202 10.69 -1.37 28.23
N ASN A 203 10.95 -2.38 29.05
CA ASN A 203 9.95 -2.85 29.98
C ASN A 203 9.19 -1.75 30.73
N GLN A 204 7.93 -2.03 30.99
CA GLN A 204 7.05 -1.10 31.67
C GLN A 204 7.08 -1.36 33.18
N GLY A 209 8.04 3.14 27.86
CA GLY A 209 9.37 3.44 27.32
C GLY A 209 9.43 4.82 26.69
N VAL A 210 10.54 5.53 26.91
CA VAL A 210 10.67 6.89 26.38
C VAL A 210 10.79 7.01 24.85
N LEU A 211 11.70 6.23 24.31
CA LEU A 211 11.95 6.19 22.89
C LEU A 211 10.70 5.62 22.26
N GLU A 212 10.29 4.49 22.80
CA GLU A 212 9.11 3.77 22.37
C GLU A 212 7.88 4.64 22.23
N GLN A 213 7.75 5.55 23.15
CA GLN A 213 6.63 6.45 23.15
C GLN A 213 6.77 7.48 22.05
N GLN A 214 8.02 7.93 21.86
CA GLN A 214 8.30 8.93 20.85
C GLN A 214 8.17 8.32 19.50
N ILE A 215 8.46 7.03 19.44
CA ILE A 215 8.38 6.36 18.17
C ILE A 215 6.93 6.19 17.86
N LEU A 216 6.20 5.94 18.93
CA LEU A 216 4.77 5.73 18.82
C LEU A 216 4.07 7.03 18.49
N GLN A 217 4.52 8.07 19.13
CA GLN A 217 3.99 9.40 18.97
C GLN A 217 4.29 10.08 17.64
N ALA A 218 5.03 9.44 16.74
CA ALA A 218 5.35 10.07 15.48
C ALA A 218 4.25 9.97 14.47
N ASN A 219 3.63 8.78 14.40
CA ASN A 219 2.57 8.56 13.49
C ASN A 219 1.52 9.67 13.43
N PRO A 220 0.94 9.93 14.59
CA PRO A 220 -0.06 10.98 14.73
C PRO A 220 0.48 12.33 14.28
N ILE A 221 1.79 12.55 14.38
CA ILE A 221 2.23 13.83 13.93
C ILE A 221 2.22 13.84 12.42
N LEU A 222 2.58 12.68 11.87
CA LEU A 222 2.64 12.54 10.44
C LEU A 222 1.26 12.50 9.86
N GLU A 223 0.34 11.92 10.61
CA GLU A 223 -1.03 11.77 10.14
C GLU A 223 -1.85 13.03 10.10
N ALA A 224 -1.49 13.98 10.96
CA ALA A 224 -2.26 15.22 10.95
C ALA A 224 -1.88 16.01 9.75
N PHE A 225 -0.60 15.88 9.40
CA PHE A 225 -0.07 16.60 8.27
C PHE A 225 -0.15 15.91 6.93
N GLY A 226 -0.03 14.58 6.89
CA GLY A 226 -0.07 13.83 5.64
C GLY A 226 -1.33 13.05 5.36
N ASN A 227 -2.30 13.17 6.27
CA ASN A 227 -3.57 12.45 6.15
C ASN A 227 -4.76 13.39 5.93
N ALA A 228 -5.71 12.89 5.16
CA ALA A 228 -6.90 13.64 4.84
C ALA A 228 -8.03 12.70 4.50
N LYS A 229 -9.26 13.24 4.61
CA LYS A 229 -10.45 12.50 4.29
C LYS A 229 -10.71 12.49 2.80
N THR A 230 -10.89 11.32 2.27
CA THR A 230 -11.18 11.24 0.89
C THR A 230 -12.45 10.43 0.76
N THR A 231 -12.91 10.25 -0.47
CA THR A 231 -14.11 9.48 -0.69
C THR A 231 -13.84 8.04 -0.39
N ARG A 232 -12.58 7.67 -0.47
CA ARG A 232 -12.24 6.28 -0.22
C ARG A 232 -11.87 5.96 1.26
N ASN A 233 -11.48 6.98 2.00
CA ASN A 233 -11.03 6.79 3.34
C ASN A 233 -11.10 8.12 4.10
N ASN A 234 -11.62 8.03 5.32
CA ASN A 234 -11.74 9.18 6.19
C ASN A 234 -10.42 9.62 6.74
N ASN A 235 -9.45 8.73 6.61
CA ASN A 235 -8.11 9.01 7.08
C ASN A 235 -7.08 8.50 6.08
N SER A 236 -7.24 8.95 4.84
CA SER A 236 -6.34 8.51 3.77
C SER A 236 -4.94 9.02 3.97
N SER A 237 -3.92 8.16 3.66
CA SER A 237 -2.51 8.60 3.75
C SER A 237 -2.22 9.26 2.40
N ARG A 238 -1.86 10.56 2.40
CA ARG A 238 -1.57 11.32 1.17
C ARG A 238 -0.08 11.37 0.89
N PHE A 239 0.63 10.41 1.46
CA PHE A 239 2.07 10.22 1.32
C PHE A 239 2.39 8.77 1.57
N GLY A 240 3.50 8.31 1.00
CA GLY A 240 3.96 6.95 1.18
C GLY A 240 5.09 6.95 2.19
N LYS A 241 5.32 5.80 2.80
CA LYS A 241 6.38 5.78 3.78
C LYS A 241 7.03 4.42 3.96
N PHE A 242 8.27 4.57 4.41
CA PHE A 242 9.10 3.45 4.74
C PHE A 242 9.58 3.70 6.14
N ILE A 243 9.08 2.88 7.06
CA ILE A 243 9.49 3.07 8.44
C ILE A 243 10.55 2.03 8.79
N GLU A 244 11.68 2.50 9.30
CA GLU A 244 12.70 1.57 9.70
C GLU A 244 12.79 1.52 11.23
N ILE A 245 12.46 0.36 11.81
CA ILE A 245 12.52 0.09 13.24
C ILE A 245 13.91 -0.52 13.50
N GLN A 246 14.76 0.21 14.24
CA GLN A 246 16.16 -0.20 14.54
C GLN A 246 16.32 -0.92 15.87
N PHE A 247 17.22 -1.92 15.89
CA PHE A 247 17.48 -2.76 17.07
C PHE A 247 18.96 -2.90 17.37
N ASN A 248 19.29 -3.17 18.62
CA ASN A 248 20.67 -3.40 18.96
C ASN A 248 20.88 -4.89 18.82
N ASN A 249 22.10 -5.41 18.94
CA ASN A 249 22.33 -6.84 18.73
C ASN A 249 21.55 -7.73 19.68
N ALA A 250 21.15 -7.15 20.81
CA ALA A 250 20.39 -7.84 21.84
C ALA A 250 18.93 -8.04 21.41
N GLY A 251 18.52 -7.31 20.39
CA GLY A 251 17.17 -7.40 19.90
C GLY A 251 16.23 -6.38 20.50
N PHE A 252 16.74 -5.32 21.07
CA PHE A 252 15.86 -4.34 21.63
C PHE A 252 15.83 -3.16 20.73
N ILE A 253 14.71 -2.45 20.74
CA ILE A 253 14.54 -1.28 19.92
C ILE A 253 15.55 -0.20 20.25
N SER A 254 16.36 0.20 19.27
CA SER A 254 17.34 1.24 19.52
C SER A 254 16.97 2.53 18.89
N GLY A 255 16.13 2.48 17.87
CA GLY A 255 15.77 3.73 17.26
C GLY A 255 14.79 3.49 16.12
N ALA A 256 14.62 4.52 15.29
CA ALA A 256 13.75 4.47 14.14
C ALA A 256 14.03 5.64 13.20
N SER A 257 13.59 5.41 11.99
CA SER A 257 13.77 6.38 10.93
C SER A 257 12.61 6.22 9.94
N ILE A 258 12.16 7.37 9.47
CA ILE A 258 11.07 7.48 8.53
C ILE A 258 11.48 8.16 7.24
N GLN A 259 11.13 7.51 6.13
CA GLN A 259 11.31 8.02 4.78
C GLN A 259 9.89 8.27 4.18
N SER A 260 9.55 9.51 3.76
CA SER A 260 8.25 9.76 3.15
C SER A 260 8.35 9.94 1.62
N TYR A 261 7.27 9.67 0.91
CA TYR A 261 7.26 9.79 -0.54
C TYR A 261 5.96 10.37 -1.06
N LEU A 262 6.02 10.96 -2.26
CA LEU A 262 4.88 11.48 -3.02
C LEU A 262 3.79 12.17 -2.24
N LEU A 263 4.12 13.18 -1.45
CA LEU A 263 3.09 13.85 -0.68
C LEU A 263 2.18 14.64 -1.61
N GLU A 264 0.87 14.51 -1.44
CA GLU A 264 -0.10 15.17 -2.29
C GLU A 264 -0.27 16.63 -1.97
N LYS A 265 0.69 17.44 -2.44
CA LYS A 265 0.72 18.87 -2.20
C LYS A 265 -0.47 19.62 -2.74
N SER A 266 -0.93 19.16 -3.88
CA SER A 266 -2.07 19.79 -4.52
C SER A 266 -3.33 19.90 -3.63
N ARG A 267 -3.48 18.97 -2.71
CA ARG A 267 -4.62 18.91 -1.85
C ARG A 267 -4.65 20.11 -0.97
N VAL A 268 -3.51 20.70 -0.79
CA VAL A 268 -3.54 21.87 0.05
C VAL A 268 -4.44 22.95 -0.53
N VAL A 269 -4.40 23.12 -1.85
CA VAL A 269 -5.17 24.15 -2.53
C VAL A 269 -6.44 23.69 -3.21
N PHE A 270 -6.71 22.41 -3.14
CA PHE A 270 -7.89 21.98 -3.81
C PHE A 270 -8.29 20.60 -3.37
N GLN A 271 -9.56 20.45 -3.08
CA GLN A 271 -10.06 19.13 -2.71
C GLN A 271 -11.33 18.80 -3.47
N SER A 272 -11.47 17.56 -3.88
CA SER A 272 -12.70 17.21 -4.57
C SER A 272 -13.90 17.35 -3.66
N GLU A 273 -15.06 17.29 -4.29
CA GLU A 273 -16.30 17.43 -3.55
C GLU A 273 -16.49 16.32 -2.54
N THR A 274 -16.78 16.78 -1.30
CA THR A 274 -17.01 15.96 -0.11
C THR A 274 -15.75 15.65 0.66
N GLU A 275 -14.61 15.82 -0.01
CA GLU A 275 -13.29 15.56 0.54
C GLU A 275 -12.89 16.67 1.44
N ARG A 276 -11.76 16.44 2.11
CA ARG A 276 -11.15 17.38 3.03
C ARG A 276 -9.67 17.65 2.70
N ASN A 277 -9.22 18.81 3.13
CA ASN A 277 -7.83 19.22 3.02
C ASN A 277 -7.08 18.44 4.12
N TYR A 278 -5.79 18.66 4.35
CA TYR A 278 -5.14 17.88 5.41
C TYR A 278 -5.79 18.08 6.81
N HIS A 279 -5.85 17.02 7.64
CA HIS A 279 -6.45 17.09 8.99
C HIS A 279 -6.08 18.30 9.86
N ILE A 280 -4.79 18.66 9.85
CA ILE A 280 -4.23 19.72 10.63
C ILE A 280 -4.92 21.05 10.49
N PHE A 281 -5.34 21.34 9.30
CA PHE A 281 -6.02 22.58 9.11
C PHE A 281 -7.23 22.67 10.04
N TYR A 282 -8.01 21.61 10.00
CA TYR A 282 -9.21 21.53 10.79
C TYR A 282 -8.98 21.45 12.27
N GLN A 283 -7.89 20.80 12.65
CA GLN A 283 -7.55 20.67 14.05
C GLN A 283 -7.08 21.99 14.58
N LEU A 284 -6.30 22.66 13.78
CA LEU A 284 -5.78 23.94 14.17
C LEU A 284 -6.91 24.89 14.51
N LEU A 285 -7.89 24.99 13.59
CA LEU A 285 -9.03 25.86 13.78
C LEU A 285 -10.08 25.39 14.79
N ALA A 286 -10.03 24.11 15.20
CA ALA A 286 -10.99 23.62 16.18
C ALA A 286 -10.45 23.62 17.60
N GLY A 287 -9.14 23.41 17.70
CA GLY A 287 -8.43 23.33 18.96
C GLY A 287 -7.57 24.52 19.36
N ALA A 288 -7.32 25.47 18.49
CA ALA A 288 -6.52 26.56 19.03
C ALA A 288 -7.43 27.30 20.03
N THR A 289 -6.83 28.04 20.95
CA THR A 289 -7.63 28.78 21.92
C THR A 289 -8.29 29.99 21.27
N ALA A 290 -9.42 30.45 21.81
CA ALA A 290 -10.09 31.62 21.26
C ALA A 290 -9.08 32.75 21.10
N GLU A 291 -8.01 32.59 21.90
CA GLU A 291 -6.85 33.46 22.07
C GLU A 291 -5.65 33.23 21.16
N GLU A 292 -5.56 32.04 20.55
CA GLU A 292 -4.46 31.77 19.63
C GLU A 292 -4.92 32.23 18.24
N LYS A 293 -6.22 32.06 18.05
CA LYS A 293 -6.88 32.42 16.83
C LYS A 293 -6.53 33.80 16.39
N LYS A 294 -7.21 34.73 17.05
CA LYS A 294 -7.05 36.12 16.77
C LYS A 294 -5.58 36.43 16.68
N ALA A 295 -4.81 35.74 17.51
CA ALA A 295 -3.40 35.91 17.49
C ALA A 295 -2.90 35.58 16.07
N LEU A 296 -3.55 34.57 15.51
CA LEU A 296 -3.27 34.06 14.18
C LEU A 296 -4.25 34.63 13.19
N HIS A 297 -5.21 35.38 13.70
CA HIS A 297 -6.17 35.92 12.80
C HIS A 297 -6.87 34.75 12.21
N LEU A 298 -7.31 33.93 13.12
CA LEU A 298 -7.97 32.74 12.68
C LEU A 298 -9.47 32.89 12.80
N ALA A 299 -10.16 32.26 11.87
CA ALA A 299 -11.59 32.25 11.83
C ALA A 299 -12.00 30.81 11.61
N GLY A 300 -13.08 30.58 10.88
CA GLY A 300 -13.54 29.23 10.60
C GLY A 300 -13.22 28.78 9.18
N PRO A 301 -13.34 27.47 8.95
CA PRO A 301 -13.08 26.87 7.64
C PRO A 301 -13.94 27.45 6.56
N GLU A 302 -15.13 27.89 6.97
CA GLU A 302 -16.03 28.44 5.99
C GLU A 302 -15.49 29.75 5.44
N SER A 303 -14.61 30.36 6.25
CA SER A 303 -13.96 31.61 5.95
C SER A 303 -12.65 31.47 5.19
N PHE A 304 -12.32 30.26 4.76
CA PHE A 304 -11.07 30.09 4.06
C PHE A 304 -11.35 29.40 2.77
N ASN A 305 -10.70 29.87 1.70
CA ASN A 305 -10.86 29.28 0.38
C ASN A 305 -10.35 27.85 0.31
N TYR A 306 -9.24 27.66 1.02
CA TYR A 306 -8.61 26.37 1.04
C TYR A 306 -9.42 25.30 1.73
N LEU A 307 -10.44 25.70 2.53
CA LEU A 307 -11.31 24.77 3.30
C LEU A 307 -12.82 24.85 3.09
N ASN A 308 -13.30 25.83 2.35
CA ASN A 308 -14.71 25.98 2.16
C ASN A 308 -15.17 25.66 0.77
N GLN A 309 -14.46 24.82 0.09
CA GLN A 309 -14.91 24.53 -1.23
C GLN A 309 -15.41 23.13 -1.47
N SER A 310 -14.93 22.17 -0.68
CA SER A 310 -15.31 20.77 -0.85
C SER A 310 -16.72 20.53 -0.41
N GLY A 311 -17.11 21.37 0.56
CA GLY A 311 -18.41 21.27 1.16
C GLY A 311 -18.34 20.39 2.38
N CYS A 312 -17.16 19.89 2.64
CA CYS A 312 -16.99 19.04 3.78
C CYS A 312 -15.91 19.65 4.63
N VAL A 313 -16.22 19.80 5.89
CA VAL A 313 -15.23 20.37 6.76
C VAL A 313 -15.10 19.58 8.04
N ASP A 314 -15.87 18.49 8.13
CA ASP A 314 -15.86 17.62 9.30
C ASP A 314 -16.11 16.16 8.99
N ILE A 315 -15.58 15.31 9.90
CA ILE A 315 -15.70 13.86 9.79
C ILE A 315 -16.55 13.23 10.87
N LYS A 316 -17.42 12.33 10.41
CA LYS A 316 -18.30 11.61 11.30
C LYS A 316 -17.51 10.70 12.21
N GLY A 317 -17.54 11.10 13.47
CA GLY A 317 -16.87 10.38 14.55
C GLY A 317 -15.54 11.00 14.84
N VAL A 318 -15.40 12.25 14.40
CA VAL A 318 -14.17 12.97 14.63
C VAL A 318 -14.30 14.39 15.15
N SER A 319 -13.55 14.57 16.23
CA SER A 319 -13.45 15.81 16.93
C SER A 319 -12.09 16.36 16.64
N ASP A 320 -12.11 17.27 15.72
CA ASP A 320 -10.91 17.94 15.31
C ASP A 320 -10.23 18.66 16.49
N SER A 321 -11.02 19.18 17.41
CA SER A 321 -10.44 19.87 18.55
C SER A 321 -9.76 18.88 19.46
N GLU A 322 -10.43 17.75 19.63
CA GLU A 322 -9.87 16.73 20.48
C GLU A 322 -8.67 16.02 19.89
N GLU A 323 -8.66 15.78 18.61
CA GLU A 323 -7.55 15.16 17.86
C GLU A 323 -6.28 16.01 17.81
N PHE A 324 -6.48 17.34 18.00
CA PHE A 324 -5.50 18.41 18.02
C PHE A 324 -4.67 18.43 19.30
N LYS A 325 -5.30 17.93 20.36
CA LYS A 325 -4.65 17.86 21.64
C LYS A 325 -3.57 16.80 21.50
N ILE A 326 -4.04 15.70 20.93
CA ILE A 326 -3.24 14.54 20.65
C ILE A 326 -2.01 14.90 19.87
N THR A 327 -2.24 15.58 18.75
CA THR A 327 -1.18 16.03 17.86
C THR A 327 -0.19 16.88 18.62
N ARG A 328 -0.74 17.93 19.23
CA ARG A 328 0.08 18.83 20.03
C ARG A 328 0.79 18.02 21.11
N GLN A 329 0.09 17.04 21.62
CA GLN A 329 0.69 16.23 22.62
C GLN A 329 1.92 15.56 22.03
N ALA A 330 1.68 14.76 20.98
CA ALA A 330 2.74 14.05 20.28
C ALA A 330 3.90 14.98 19.98
N MET A 331 3.61 16.22 19.56
CA MET A 331 4.72 17.13 19.29
C MET A 331 5.56 17.32 20.54
N ASP A 332 4.87 17.42 21.67
CA ASP A 332 5.50 17.61 22.95
C ASP A 332 6.42 16.45 23.31
N ILE A 333 5.91 15.22 23.15
CA ILE A 333 6.66 14.00 23.41
C ILE A 333 7.94 13.82 22.57
N VAL A 334 7.78 13.86 21.25
CA VAL A 334 8.90 13.71 20.34
C VAL A 334 9.94 14.79 20.64
N GLY A 335 9.45 15.90 21.18
CA GLY A 335 10.33 17.00 21.57
C GLY A 335 10.28 18.29 20.78
N PHE A 336 9.11 18.65 20.29
CA PHE A 336 9.03 19.89 19.55
C PHE A 336 8.94 21.07 20.53
N SER A 337 9.89 22.00 20.41
CA SER A 337 9.91 23.16 21.28
C SER A 337 8.61 23.90 21.18
N GLN A 338 8.20 24.50 22.27
CA GLN A 338 6.95 25.24 22.23
C GLN A 338 6.94 26.29 21.15
N GLU A 339 8.11 26.84 20.96
CA GLU A 339 8.30 27.84 19.97
C GLU A 339 8.47 27.18 18.59
N GLU A 340 8.86 25.91 18.57
CA GLU A 340 8.99 25.24 17.30
C GLU A 340 7.58 24.98 16.83
N GLN A 341 6.77 24.74 17.81
CA GLN A 341 5.38 24.47 17.55
C GLN A 341 4.58 25.70 17.21
N MET A 342 4.97 26.84 17.73
CA MET A 342 4.21 28.02 17.37
C MET A 342 4.31 28.21 15.85
N SER A 343 5.57 28.22 15.38
CA SER A 343 5.95 28.38 13.99
C SER A 343 5.31 27.42 13.00
N ILE A 344 5.13 26.16 13.42
CA ILE A 344 4.50 25.15 12.58
C ILE A 344 3.05 25.53 12.30
N PHE A 345 2.45 26.15 13.31
CA PHE A 345 1.07 26.58 13.29
C PHE A 345 0.86 27.91 12.60
N LYS A 346 1.92 28.69 12.64
CA LYS A 346 1.98 29.95 11.99
C LYS A 346 1.99 29.72 10.47
N ILE A 347 2.75 28.70 10.05
CA ILE A 347 2.89 28.29 8.66
C ILE A 347 1.58 27.82 8.11
N ILE A 348 0.99 26.95 8.89
CA ILE A 348 -0.29 26.41 8.56
C ILE A 348 -1.26 27.59 8.36
N ALA A 349 -1.26 28.52 9.32
CA ALA A 349 -2.10 29.73 9.30
C ALA A 349 -1.87 30.59 8.07
N GLY A 350 -0.61 31.01 7.87
CA GLY A 350 -0.24 31.82 6.72
C GLY A 350 -0.71 31.13 5.44
N ILE A 351 -0.41 29.84 5.30
CA ILE A 351 -0.85 29.11 4.13
C ILE A 351 -2.35 29.33 4.04
N LEU A 352 -3.03 29.25 5.17
CA LEU A 352 -4.46 29.45 5.16
C LEU A 352 -4.83 30.84 4.62
N HIS A 353 -4.00 31.86 4.96
CA HIS A 353 -4.17 33.27 4.55
C HIS A 353 -3.91 33.54 3.07
N LEU A 354 -2.81 32.97 2.53
CA LEU A 354 -2.41 33.09 1.12
C LEU A 354 -3.50 32.56 0.19
N GLY A 355 -4.22 31.57 0.64
CA GLY A 355 -5.26 31.08 -0.21
C GLY A 355 -6.39 32.08 -0.21
N ASN A 356 -6.41 32.93 0.81
CA ASN A 356 -7.46 33.90 0.89
C ASN A 356 -7.21 35.13 0.03
N ILE A 357 -6.06 35.15 -0.60
CA ILE A 357 -5.72 36.25 -1.48
C ILE A 357 -6.54 36.22 -2.77
N LYS A 358 -7.11 37.37 -3.11
CA LYS A 358 -7.92 37.54 -4.30
C LYS A 358 -7.32 38.52 -5.30
N PHE A 359 -6.88 37.97 -6.41
CA PHE A 359 -6.33 38.81 -7.44
C PHE A 359 -7.47 39.29 -8.30
N GLU A 360 -7.40 40.56 -8.59
CA GLU A 360 -8.35 41.23 -9.44
C GLU A 360 -7.57 41.77 -10.65
N LYS A 361 -8.21 41.89 -11.81
CA LYS A 361 -7.47 42.46 -12.94
C LYS A 361 -7.82 43.93 -13.04
N GLY A 362 -8.79 44.20 -13.90
CA GLY A 362 -9.36 45.53 -14.12
C GLY A 362 -8.40 46.56 -14.73
N ALA A 363 -7.55 47.13 -13.84
CA ALA A 363 -6.55 48.17 -14.16
C ALA A 363 -6.05 48.13 -15.59
N GLY A 364 -5.47 47.01 -15.96
CA GLY A 364 -4.99 46.92 -17.30
C GLY A 364 -5.08 45.49 -17.71
N GLU A 365 -3.91 44.86 -17.81
CA GLU A 365 -3.80 43.46 -18.18
C GLU A 365 -3.17 42.59 -17.10
N GLY A 366 -2.45 43.21 -16.18
CA GLY A 366 -1.84 42.47 -15.09
C GLY A 366 -2.77 42.43 -13.87
N ALA A 367 -2.46 41.60 -12.88
CA ALA A 367 -3.31 41.52 -11.72
C ALA A 367 -3.01 42.60 -10.73
N VAL A 368 -3.88 42.74 -9.74
CA VAL A 368 -3.67 43.72 -8.68
C VAL A 368 -4.36 43.33 -7.38
N LEU A 369 -3.78 43.82 -6.28
CA LEU A 369 -4.27 43.57 -4.95
C LEU A 369 -5.01 44.78 -4.39
N LYS A 370 -6.33 44.77 -4.55
CA LYS A 370 -7.17 45.86 -4.07
C LYS A 370 -7.20 45.87 -2.55
N ASP A 371 -7.51 44.70 -2.01
CA ASP A 371 -7.55 44.43 -0.59
C ASP A 371 -6.29 43.67 -0.22
N LYS A 372 -5.68 44.12 0.87
CA LYS A 372 -4.46 43.51 1.33
C LYS A 372 -4.63 42.76 2.64
N THR A 373 -5.91 42.63 3.05
CA THR A 373 -6.24 41.94 4.28
C THR A 373 -5.53 40.60 4.35
N ALA A 374 -5.89 39.70 3.43
CA ALA A 374 -5.28 38.39 3.40
C ALA A 374 -3.77 38.45 3.29
N LEU A 375 -3.28 39.24 2.35
CA LEU A 375 -1.86 39.35 2.21
C LEU A 375 -1.19 39.65 3.55
N ASN A 376 -1.57 40.80 4.10
CA ASN A 376 -1.00 41.26 5.35
C ASN A 376 -0.85 40.14 6.37
N ALA A 377 -1.97 39.48 6.60
CA ALA A 377 -2.09 38.37 7.52
C ALA A 377 -1.13 37.24 7.20
N ALA A 378 -0.94 36.97 5.94
CA ALA A 378 -0.01 35.91 5.65
C ALA A 378 1.35 36.40 6.09
N SER A 379 1.76 37.52 5.53
CA SER A 379 3.06 38.13 5.79
C SER A 379 3.37 38.19 7.25
N THR A 380 2.38 38.63 8.00
CA THR A 380 2.55 38.73 9.44
C THR A 380 3.04 37.43 10.04
N VAL A 381 2.16 36.43 10.02
CA VAL A 381 2.39 35.11 10.53
C VAL A 381 3.65 34.43 10.00
N PHE A 382 4.06 34.77 8.76
CA PHE A 382 5.24 34.16 8.14
C PHE A 382 6.50 34.83 8.56
N GLY A 383 6.33 36.11 8.86
CA GLY A 383 7.47 36.89 9.26
C GLY A 383 8.20 37.42 8.04
N VAL A 384 7.41 37.72 6.98
CA VAL A 384 7.86 38.28 5.71
C VAL A 384 7.26 39.68 5.43
N ASN A 385 7.96 40.49 4.59
CA ASN A 385 7.53 41.87 4.22
C ASN A 385 6.59 42.04 3.01
N PRO A 386 5.29 41.99 3.30
CA PRO A 386 4.16 42.11 2.38
C PRO A 386 4.41 42.68 0.99
N SER A 387 4.92 43.90 0.92
CA SER A 387 5.17 44.54 -0.38
C SER A 387 6.12 43.74 -1.22
N VAL A 388 6.93 42.97 -0.54
CA VAL A 388 7.87 42.14 -1.24
C VAL A 388 7.14 40.90 -1.72
N LEU A 389 6.46 40.26 -0.78
CA LEU A 389 5.66 39.10 -1.10
C LEU A 389 4.80 39.49 -2.29
N GLU A 390 4.11 40.60 -2.09
CA GLU A 390 3.20 41.19 -3.05
C GLU A 390 3.80 41.35 -4.41
N LYS A 391 4.97 41.98 -4.36
CA LYS A 391 5.75 42.24 -5.54
C LYS A 391 6.12 40.90 -6.17
N ALA A 392 6.59 39.99 -5.33
CA ALA A 392 6.97 38.66 -5.77
C ALA A 392 5.82 37.88 -6.39
N LEU A 393 4.61 38.10 -5.88
CA LEU A 393 3.45 37.41 -6.36
C LEU A 393 2.97 37.90 -7.72
N MET A 394 2.91 39.22 -7.89
CA MET A 394 2.43 39.78 -9.14
C MET A 394 3.47 40.27 -10.11
N GLU A 395 4.63 40.69 -9.62
CA GLU A 395 5.70 41.19 -10.47
C GLU A 395 7.08 40.63 -10.12
N PRO A 396 7.30 39.42 -10.60
CA PRO A 396 8.51 38.67 -10.43
C PRO A 396 9.56 38.95 -11.49
N ARG A 397 10.81 39.16 -11.06
CA ARG A 397 11.89 39.40 -12.00
C ARG A 397 12.26 38.11 -12.71
N ILE A 398 12.54 38.23 -13.99
CA ILE A 398 12.84 37.06 -14.79
C ILE A 398 13.93 37.35 -15.79
N LEU A 399 14.79 36.35 -15.97
CA LEU A 399 15.88 36.46 -16.89
C LEU A 399 15.53 36.28 -18.34
N ALA A 400 16.21 37.11 -19.14
CA ALA A 400 16.17 37.18 -20.58
C ALA A 400 17.64 37.12 -20.96
N GLY A 401 18.29 36.31 -20.13
CA GLY A 401 19.71 36.00 -20.17
C GLY A 401 20.49 37.13 -19.54
N ARG A 402 20.31 38.28 -20.15
CA ARG A 402 20.95 39.46 -19.69
C ARG A 402 20.06 40.12 -18.67
N ASP A 403 18.86 40.31 -19.18
CA ASP A 403 17.79 40.98 -18.52
C ASP A 403 17.08 40.34 -17.39
N LEU A 404 17.33 40.86 -16.22
CA LEU A 404 16.58 40.41 -15.11
C LEU A 404 15.49 41.45 -14.99
N VAL A 405 14.31 41.12 -15.50
CA VAL A 405 13.20 42.05 -15.49
C VAL A 405 11.89 41.55 -14.87
N ALA A 406 11.20 42.50 -14.29
CA ALA A 406 9.94 42.24 -13.65
C ALA A 406 8.79 42.08 -14.62
N GLN A 407 8.05 41.01 -14.41
CA GLN A 407 6.89 40.69 -15.22
C GLN A 407 5.63 40.96 -14.43
N HIS A 408 4.60 41.39 -15.12
CA HIS A 408 3.39 41.64 -14.41
C HIS A 408 2.42 40.55 -14.75
N LEU A 409 2.15 39.80 -13.72
CA LEU A 409 1.27 38.68 -13.83
C LEU A 409 -0.15 39.09 -13.75
N ASN A 410 -0.85 38.43 -14.67
CA ASN A 410 -2.26 38.54 -14.87
C ASN A 410 -2.86 37.83 -13.69
N VAL A 411 -4.17 37.78 -13.61
CA VAL A 411 -4.74 37.16 -12.44
C VAL A 411 -4.52 35.67 -12.30
N GLU A 412 -4.65 34.94 -13.39
CA GLU A 412 -4.48 33.52 -13.23
C GLU A 412 -3.06 33.15 -12.91
N LYS A 413 -2.14 33.65 -13.73
CA LYS A 413 -0.74 33.40 -13.53
C LYS A 413 -0.34 33.77 -12.11
N SER A 414 -0.92 34.85 -11.60
CA SER A 414 -0.63 35.32 -10.26
C SER A 414 -1.11 34.32 -9.21
N SER A 415 -2.26 33.74 -9.50
CA SER A 415 -2.88 32.82 -8.60
C SER A 415 -2.13 31.53 -8.42
N SER A 416 -1.70 30.97 -9.56
CA SER A 416 -0.95 29.73 -9.68
C SER A 416 0.35 29.78 -8.90
N SER A 417 0.94 30.97 -8.91
CA SER A 417 2.18 31.26 -8.25
C SER A 417 2.00 31.25 -6.74
N ARG A 418 0.88 31.81 -6.34
CA ARG A 418 0.50 31.85 -4.97
C ARG A 418 0.30 30.42 -4.53
N ASP A 419 -0.29 29.64 -5.41
CA ASP A 419 -0.55 28.24 -5.16
C ASP A 419 0.73 27.44 -5.06
N ALA A 420 1.65 27.73 -6.00
CA ALA A 420 2.95 27.10 -6.06
C ALA A 420 3.72 27.35 -4.78
N LEU A 421 3.53 28.59 -4.23
CA LEU A 421 4.13 29.08 -2.99
C LEU A 421 3.58 28.33 -1.81
N VAL A 422 2.27 28.19 -1.78
CA VAL A 422 1.61 27.46 -0.72
C VAL A 422 2.02 25.99 -0.70
N LYS A 423 2.18 25.41 -1.90
CA LYS A 423 2.56 24.01 -2.02
C LYS A 423 3.97 23.72 -1.61
N ALA A 424 4.85 24.67 -1.92
CA ALA A 424 6.25 24.56 -1.54
C ALA A 424 6.37 24.62 -0.02
N LEU A 425 5.68 25.61 0.56
CA LEU A 425 5.65 25.82 1.99
C LEU A 425 5.29 24.52 2.69
N TYR A 426 4.15 23.96 2.33
CA TYR A 426 3.64 22.71 2.89
C TYR A 426 4.52 21.46 2.68
N GLY A 427 5.07 21.27 1.49
CA GLY A 427 5.90 20.09 1.27
C GLY A 427 7.23 20.20 2.01
N ARG A 428 7.73 21.42 2.06
CA ARG A 428 8.98 21.65 2.74
C ARG A 428 8.79 21.45 4.23
N LEU A 429 7.65 21.93 4.71
CA LEU A 429 7.28 21.80 6.11
C LEU A 429 7.25 20.34 6.52
N PHE A 430 6.52 19.54 5.72
CA PHE A 430 6.37 18.11 5.94
C PHE A 430 7.71 17.41 5.98
N LEU A 431 8.62 17.89 5.13
CA LEU A 431 9.98 17.38 5.00
C LEU A 431 10.71 17.56 6.32
N TRP A 432 10.69 18.81 6.77
CA TRP A 432 11.27 19.30 8.01
C TRP A 432 10.74 18.55 9.21
N LEU A 433 9.43 18.36 9.27
CA LEU A 433 8.82 17.59 10.34
C LEU A 433 9.47 16.25 10.33
N VAL A 434 9.50 15.59 9.16
CA VAL A 434 10.12 14.26 9.09
C VAL A 434 11.57 14.24 9.58
N LYS A 435 12.36 15.19 9.11
CA LYS A 435 13.75 15.24 9.50
C LYS A 435 13.85 15.38 10.99
N LYS A 436 13.16 16.40 11.45
CA LYS A 436 13.12 16.73 12.85
C LYS A 436 12.76 15.49 13.70
N ILE A 437 11.88 14.63 13.20
CA ILE A 437 11.49 13.44 13.94
C ILE A 437 12.60 12.40 13.91
N ASN A 438 13.24 12.30 12.78
CA ASN A 438 14.29 11.31 12.69
C ASN A 438 15.39 11.68 13.62
N ASN A 439 15.64 13.00 13.63
CA ASN A 439 16.66 13.62 14.46
C ASN A 439 16.54 13.08 15.87
N VAL A 440 15.31 12.99 16.31
CA VAL A 440 15.05 12.49 17.62
C VAL A 440 15.15 10.96 17.61
N LEU A 441 14.47 10.32 16.72
CA LEU A 441 14.51 8.89 16.79
C LEU A 441 15.67 8.16 16.16
N CYS A 442 16.26 8.70 15.12
CA CYS A 442 17.30 7.95 14.46
C CYS A 442 18.56 7.57 15.18
N GLN A 443 19.04 6.38 14.78
CA GLN A 443 20.26 5.76 15.25
C GLN A 443 21.35 5.70 14.18
N GLU A 444 22.45 6.25 14.41
CA GLU A 444 23.63 6.23 13.55
C GLU A 444 24.23 4.84 13.72
N ARG A 445 24.18 4.44 14.98
CA ARG A 445 24.64 3.19 15.55
C ARG A 445 23.49 2.24 15.71
N LYS A 446 23.37 1.33 14.75
CA LYS A 446 22.32 0.32 14.79
C LYS A 446 22.81 -0.98 14.19
N ALA A 447 22.43 -2.10 14.82
CA ALA A 447 22.81 -3.46 14.43
C ALA A 447 21.91 -4.06 13.35
N TYR A 448 20.62 -3.92 13.55
CA TYR A 448 19.68 -4.49 12.61
C TYR A 448 18.44 -3.62 12.49
N PHE A 449 17.58 -3.99 11.57
CA PHE A 449 16.36 -3.21 11.44
C PHE A 449 15.31 -4.07 10.79
N ILE A 450 14.05 -3.65 11.01
CA ILE A 450 12.90 -4.30 10.42
C ILE A 450 12.25 -3.16 9.68
N GLY A 451 12.12 -3.23 8.38
CA GLY A 451 11.49 -2.06 7.75
C GLY A 451 10.08 -2.38 7.26
N VAL A 452 9.25 -1.35 7.40
CA VAL A 452 7.85 -1.40 7.00
C VAL A 452 7.52 -0.33 5.95
N LEU A 453 7.12 -0.87 4.80
CA LEU A 453 6.73 -0.07 3.65
C LEU A 453 5.19 0.02 3.59
N ASP A 454 4.69 1.21 3.78
CA ASP A 454 3.26 1.40 3.71
C ASP A 454 2.97 2.31 2.52
N ILE A 455 2.64 1.73 1.37
CA ILE A 455 2.39 2.57 0.19
C ILE A 455 1.32 1.92 -0.63
N SER A 456 0.65 2.70 -1.45
CA SER A 456 -0.39 2.10 -2.26
C SER A 456 0.13 1.05 -3.20
N GLY A 457 -0.81 0.23 -3.66
CA GLY A 457 -0.57 -0.79 -4.67
C GLY A 457 -0.80 -0.07 -6.04
N PHE A 458 -0.98 -0.83 -7.11
CA PHE A 458 -1.23 -0.24 -8.43
C PHE A 458 -2.44 0.69 -8.36
N GLU A 459 -2.33 1.85 -9.01
CA GLU A 459 -3.37 2.88 -9.10
C GLU A 459 -3.93 2.99 -10.54
N ILE A 460 -5.16 2.53 -10.76
CA ILE A 460 -5.80 2.64 -12.07
C ILE A 460 -7.17 3.34 -11.94
N PHE A 461 -7.17 4.66 -11.97
CA PHE A 461 -8.33 5.51 -11.88
C PHE A 461 -8.92 5.87 -13.22
N LYS A 462 -9.82 6.86 -13.16
CA LYS A 462 -10.53 7.42 -14.30
C LYS A 462 -9.53 8.29 -15.02
N VAL A 463 -8.87 9.11 -14.17
CA VAL A 463 -7.84 10.01 -14.61
C VAL A 463 -6.53 9.64 -13.98
N ASN A 464 -5.58 9.28 -14.83
CA ASN A 464 -4.26 8.93 -14.36
C ASN A 464 -3.26 9.95 -14.86
N SER A 465 -2.52 10.57 -13.92
CA SER A 465 -1.52 11.58 -14.18
C SER A 465 -0.11 11.17 -13.76
N PHE A 466 0.78 12.13 -13.73
CA PHE A 466 2.17 11.89 -13.43
C PHE A 466 2.38 11.07 -12.16
N GLU A 467 1.71 11.48 -11.09
CA GLU A 467 1.78 10.79 -9.81
C GLU A 467 1.37 9.34 -9.88
N GLN A 468 0.36 9.00 -10.70
CA GLN A 468 -0.02 7.59 -10.84
C GLN A 468 1.10 6.81 -11.55
N LEU A 469 1.79 7.48 -12.51
CA LEU A 469 2.89 6.82 -13.22
C LEU A 469 3.98 6.41 -12.23
N CYS A 470 4.33 7.37 -11.38
CA CYS A 470 5.32 7.13 -10.37
C CYS A 470 4.93 5.93 -9.49
N ILE A 471 3.82 6.04 -8.79
CA ILE A 471 3.37 4.93 -7.93
C ILE A 471 3.32 3.61 -8.68
N ASN A 472 2.99 3.68 -9.96
CA ASN A 472 2.87 2.50 -10.76
C ASN A 472 4.20 1.87 -11.12
N TYR A 473 5.13 2.77 -11.32
CA TYR A 473 6.51 2.43 -11.60
C TYR A 473 7.05 1.71 -10.35
N THR A 474 6.92 2.36 -9.19
CA THR A 474 7.31 1.71 -7.93
C THR A 474 6.68 0.32 -7.83
N ASN A 475 5.38 0.23 -8.13
CA ASN A 475 4.74 -1.07 -8.07
C ASN A 475 5.30 -2.14 -8.99
N GLU A 476 5.80 -1.73 -10.17
CA GLU A 476 6.37 -2.68 -11.10
C GLU A 476 7.66 -3.25 -10.50
N LYS A 477 8.39 -2.36 -9.84
CA LYS A 477 9.64 -2.79 -9.20
C LYS A 477 9.37 -3.72 -8.01
N LEU A 478 8.37 -3.38 -7.18
CA LEU A 478 8.06 -4.22 -6.05
C LEU A 478 7.52 -5.53 -6.51
N GLN A 479 6.78 -5.52 -7.62
CA GLN A 479 6.24 -6.77 -8.13
C GLN A 479 7.34 -7.67 -8.73
N GLN A 480 8.32 -7.06 -9.34
CA GLN A 480 9.44 -7.78 -9.90
C GLN A 480 10.28 -8.41 -8.75
N PHE A 481 10.48 -7.64 -7.67
CA PHE A 481 11.18 -8.10 -6.47
C PHE A 481 10.54 -9.36 -5.89
N PHE A 482 9.23 -9.32 -5.82
CA PHE A 482 8.47 -10.43 -5.33
C PHE A 482 8.72 -11.67 -6.15
N ASN A 483 8.51 -11.51 -7.44
CA ASN A 483 8.65 -12.62 -8.35
C ASN A 483 10.01 -13.22 -8.33
N HIS A 484 10.98 -12.33 -8.29
CA HIS A 484 12.36 -12.73 -8.22
C HIS A 484 12.60 -13.54 -6.94
N HIS A 485 12.25 -12.92 -5.82
CA HIS A 485 12.34 -13.54 -4.54
C HIS A 485 11.75 -14.93 -4.55
N MET A 486 10.59 -15.03 -5.10
CA MET A 486 9.96 -16.31 -5.14
C MET A 486 10.72 -17.25 -6.02
N PHE A 487 11.30 -16.68 -7.04
CA PHE A 487 12.03 -17.53 -7.94
C PHE A 487 13.21 -18.10 -7.21
N LYS A 488 13.89 -17.26 -6.45
CA LYS A 488 15.03 -17.73 -5.69
C LYS A 488 14.67 -18.71 -4.57
N LEU A 489 13.61 -18.41 -3.80
CA LEU A 489 13.19 -19.29 -2.73
C LEU A 489 12.98 -20.72 -3.18
N GLU A 490 12.96 -20.85 -4.51
CA GLU A 490 12.77 -22.07 -5.22
C GLU A 490 14.07 -22.66 -5.73
N GLN A 491 14.74 -21.88 -6.60
CA GLN A 491 15.99 -22.31 -7.24
C GLN A 491 16.86 -23.10 -6.22
N GLU A 492 17.43 -22.45 -5.23
CA GLU A 492 18.27 -23.17 -4.28
C GLU A 492 17.47 -24.09 -3.35
N GLU A 493 16.19 -23.78 -3.17
CA GLU A 493 15.46 -24.50 -2.14
C GLU A 493 14.70 -25.83 -2.46
N TYR A 494 14.16 -26.11 -3.65
CA TYR A 494 13.49 -27.44 -3.86
C TYR A 494 14.52 -28.54 -3.58
N LEU A 495 15.72 -28.01 -3.64
CA LEU A 495 17.01 -28.65 -3.47
C LEU A 495 17.38 -28.75 -1.97
N LYS A 496 16.31 -28.78 -1.15
CA LYS A 496 16.32 -28.88 0.31
C LYS A 496 15.63 -30.16 0.83
N GLU A 497 14.40 -30.45 0.36
CA GLU A 497 13.66 -31.65 0.76
C GLU A 497 13.76 -32.82 -0.25
N LYS A 498 14.69 -32.66 -1.21
CA LYS A 498 14.94 -33.68 -2.22
C LYS A 498 14.05 -33.65 -3.46
N ILE A 499 13.84 -32.45 -4.03
CA ILE A 499 13.04 -32.27 -5.24
C ILE A 499 13.81 -32.02 -6.56
N ASN A 500 13.14 -31.90 -7.72
CA ASN A 500 13.84 -31.70 -8.99
C ASN A 500 13.98 -30.27 -9.59
N TRP A 501 13.27 -29.98 -10.70
CA TRP A 501 13.33 -28.67 -11.40
C TRP A 501 12.00 -28.23 -11.99
N PHE A 506 15.38 -16.57 -15.72
CA PHE A 506 16.24 -15.54 -15.15
C PHE A 506 15.73 -14.13 -15.43
N GLY A 507 15.31 -13.93 -16.68
CA GLY A 507 14.82 -12.64 -17.13
C GLY A 507 13.36 -12.36 -16.80
N LEU A 508 13.12 -11.13 -16.33
CA LEU A 508 11.78 -10.73 -15.99
C LEU A 508 10.99 -10.08 -17.10
N ASP A 509 9.74 -10.48 -17.06
CA ASP A 509 8.66 -10.06 -17.91
C ASP A 509 8.28 -8.64 -17.56
N SER A 510 8.78 -8.24 -16.38
CA SER A 510 8.55 -6.93 -15.82
C SER A 510 9.56 -5.95 -16.33
N GLN A 511 10.65 -6.45 -16.91
CA GLN A 511 11.70 -5.56 -17.37
C GLN A 511 11.33 -4.57 -18.46
N ALA A 512 10.54 -5.02 -19.41
CA ALA A 512 10.15 -4.18 -20.55
C ALA A 512 9.36 -2.97 -20.13
N THR A 513 8.42 -3.22 -19.23
CA THR A 513 7.60 -2.12 -18.77
C THR A 513 8.47 -1.18 -18.03
N ILE A 514 9.28 -1.75 -17.14
CA ILE A 514 10.20 -0.97 -16.31
C ILE A 514 11.06 -0.06 -17.21
N ASP A 515 11.64 -0.66 -18.28
CA ASP A 515 12.49 0.00 -19.25
C ASP A 515 11.76 1.13 -19.99
N LEU A 516 10.53 0.84 -20.40
CA LEU A 516 9.76 1.88 -21.08
C LEU A 516 9.63 3.16 -20.26
N ILE A 517 9.61 2.99 -18.96
CA ILE A 517 9.46 4.13 -18.11
C ILE A 517 10.74 4.73 -17.72
N ASP A 518 11.66 3.90 -17.27
CA ASP A 518 12.86 4.52 -16.81
C ASP A 518 14.13 4.38 -17.64
N GLY A 519 14.10 3.68 -18.78
CA GLY A 519 15.28 3.54 -19.65
C GLY A 519 16.03 4.84 -20.02
N ARG A 520 17.37 4.72 -20.14
CA ARG A 520 18.22 5.85 -20.49
C ARG A 520 18.55 5.82 -22.00
N GLN A 521 18.83 4.65 -22.53
CA GLN A 521 19.12 4.56 -23.94
C GLN A 521 18.75 3.22 -24.45
N PRO A 522 17.71 3.15 -25.30
CA PRO A 522 16.99 4.32 -25.72
C PRO A 522 16.26 4.91 -24.51
N PRO A 523 16.00 6.18 -24.58
CA PRO A 523 15.33 6.91 -23.53
C PRO A 523 13.89 6.43 -23.33
N GLY A 524 13.45 6.23 -22.08
CA GLY A 524 12.08 5.82 -21.81
C GLY A 524 11.23 7.07 -21.52
N ILE A 525 10.00 6.88 -21.04
CA ILE A 525 9.12 8.01 -20.77
C ILE A 525 9.76 9.10 -19.91
N LEU A 526 10.32 8.72 -18.75
CA LEU A 526 10.89 9.76 -17.89
C LEU A 526 12.04 10.60 -18.48
N ALA A 527 12.89 9.94 -19.28
CA ALA A 527 14.05 10.58 -19.90
C ALA A 527 13.53 11.57 -20.93
N LEU A 528 12.63 11.12 -21.78
CA LEU A 528 12.11 12.10 -22.71
C LEU A 528 11.40 13.21 -21.95
N LEU A 529 10.78 12.84 -20.84
CA LEU A 529 10.10 13.86 -20.05
C LEU A 529 11.12 14.84 -19.54
N ASP A 530 12.23 14.31 -19.05
CA ASP A 530 13.26 15.22 -18.57
C ASP A 530 13.77 16.13 -19.69
N GLU A 531 13.98 15.50 -20.85
CA GLU A 531 14.47 16.25 -21.98
C GLU A 531 13.64 17.46 -22.32
N GLN A 532 12.36 17.18 -22.49
CA GLN A 532 11.37 18.19 -22.79
C GLN A 532 11.35 19.29 -21.73
N SER A 533 11.76 18.92 -20.51
CA SER A 533 11.77 19.83 -19.39
C SER A 533 12.78 20.96 -19.47
N VAL A 534 13.82 20.79 -20.21
CA VAL A 534 14.77 21.88 -20.26
C VAL A 534 14.31 23.07 -21.10
N PHE A 535 13.52 22.81 -22.16
CA PHE A 535 12.98 23.87 -23.00
C PHE A 535 11.78 24.51 -22.38
N PRO A 536 12.01 25.77 -22.04
CA PRO A 536 11.00 26.60 -21.43
C PRO A 536 9.76 26.72 -22.31
N ASN A 537 10.00 26.76 -23.63
CA ASN A 537 8.87 26.91 -24.51
C ASN A 537 8.16 25.66 -25.01
N ALA A 538 8.50 24.48 -24.43
CA ALA A 538 7.87 23.23 -24.80
C ALA A 538 6.45 23.06 -24.18
N THR A 539 5.66 22.14 -24.70
CA THR A 539 4.33 22.01 -24.15
C THR A 539 3.90 20.58 -23.96
N ASP A 540 2.69 20.47 -23.41
CA ASP A 540 2.15 19.15 -23.21
C ASP A 540 2.11 18.43 -24.55
N ASN A 541 1.75 19.21 -25.57
CA ASN A 541 1.66 18.69 -26.93
C ASN A 541 2.97 18.15 -27.53
N THR A 542 4.06 18.90 -27.36
CA THR A 542 5.36 18.47 -27.89
C THR A 542 5.70 17.18 -27.20
N LEU A 543 5.50 17.23 -25.90
CA LEU A 543 5.78 16.09 -25.05
C LEU A 543 5.06 14.86 -25.53
N ILE A 544 3.73 14.93 -25.50
CA ILE A 544 2.95 13.77 -25.92
C ILE A 544 3.34 13.31 -27.34
N THR A 545 3.70 14.30 -28.18
CA THR A 545 4.09 14.04 -29.56
C THR A 545 5.40 13.24 -29.54
N LYS A 546 6.34 13.72 -28.72
CA LYS A 546 7.59 12.99 -28.60
C LYS A 546 7.47 11.53 -28.14
N LEU A 547 6.59 11.30 -27.15
CA LEU A 547 6.36 9.94 -26.65
C LEU A 547 5.77 9.02 -27.72
N HIS A 548 4.77 9.50 -28.44
CA HIS A 548 4.16 8.67 -29.46
C HIS A 548 5.19 8.35 -30.54
N SER A 549 5.91 9.39 -30.91
CA SER A 549 6.99 9.33 -31.90
C SER A 549 7.97 8.23 -31.53
N HIS A 550 8.34 8.16 -30.27
CA HIS A 550 9.25 7.09 -29.96
C HIS A 550 8.67 5.76 -29.65
N PHE A 551 7.40 5.65 -29.19
CA PHE A 551 6.88 4.33 -28.78
C PHE A 551 5.69 3.83 -29.49
N SER A 552 4.98 4.71 -30.19
CA SER A 552 3.80 4.21 -30.90
C SER A 552 4.10 3.19 -32.04
N LYS A 553 3.66 1.94 -31.86
CA LYS A 553 3.90 0.85 -32.78
C LYS A 553 5.35 0.43 -32.72
N LYS A 554 6.08 1.05 -31.83
CA LYS A 554 7.48 0.76 -31.72
C LYS A 554 7.82 0.05 -30.44
N ASN A 555 7.06 0.28 -29.36
CA ASN A 555 7.29 -0.41 -28.10
C ASN A 555 6.03 -1.16 -27.74
N ALA A 556 6.12 -2.48 -27.56
CA ALA A 556 4.98 -3.36 -27.23
C ALA A 556 4.12 -3.09 -25.95
N LYS A 557 4.64 -2.29 -24.99
CA LYS A 557 3.96 -1.97 -23.74
C LYS A 557 3.35 -0.58 -23.80
N TYR A 558 3.42 0.01 -24.98
CA TYR A 558 2.91 1.36 -25.16
C TYR A 558 1.74 1.37 -26.11
N GLU A 559 0.85 2.33 -25.93
CA GLU A 559 -0.27 2.46 -26.81
C GLU A 559 -0.68 3.87 -27.02
N GLU A 560 -0.75 4.22 -28.30
CA GLU A 560 -1.22 5.53 -28.66
C GLU A 560 -2.72 5.41 -28.92
N PRO A 561 -3.51 6.28 -28.27
CA PRO A 561 -4.96 6.22 -28.37
C PRO A 561 -5.53 6.43 -29.76
N ARG A 562 -6.63 5.77 -30.06
CA ARG A 562 -7.24 5.98 -31.33
C ARG A 562 -7.63 7.39 -31.53
N PHE A 563 -8.10 8.02 -30.47
CA PHE A 563 -8.58 9.36 -30.60
C PHE A 563 -7.99 10.42 -29.69
N SER A 564 -7.84 10.12 -28.42
CA SER A 564 -7.32 11.17 -27.56
C SER A 564 -5.97 11.67 -28.04
N LYS A 565 -5.69 12.95 -27.84
CA LYS A 565 -4.43 13.59 -28.20
C LYS A 565 -3.68 14.00 -26.96
N THR A 566 -4.14 13.56 -25.79
CA THR A 566 -3.50 13.98 -24.57
C THR A 566 -3.21 12.82 -23.65
N GLU A 567 -3.44 11.63 -24.11
CA GLU A 567 -3.21 10.47 -23.28
C GLU A 567 -2.38 9.43 -24.00
N PHE A 568 -1.81 8.53 -23.22
CA PHE A 568 -1.05 7.39 -23.73
C PHE A 568 -1.23 6.26 -22.76
N GLY A 569 -1.10 5.04 -23.24
CA GLY A 569 -1.31 3.91 -22.38
C GLY A 569 -0.05 3.13 -22.12
N VAL A 570 0.06 2.57 -20.93
CA VAL A 570 1.21 1.75 -20.58
C VAL A 570 0.72 0.40 -20.17
N THR A 571 1.26 -0.68 -20.73
CA THR A 571 0.82 -1.96 -20.29
C THR A 571 1.60 -2.39 -19.07
N HIS A 572 0.93 -2.25 -17.95
CA HIS A 572 1.52 -2.58 -16.68
C HIS A 572 1.27 -4.02 -16.27
N TYR A 573 1.85 -4.34 -15.13
CA TYR A 573 1.74 -5.66 -14.54
C TYR A 573 0.28 -6.04 -14.36
N ALA A 574 -0.40 -5.13 -13.70
CA ALA A 574 -1.79 -5.16 -13.35
C ALA A 574 -2.70 -4.83 -14.54
N GLY A 575 -2.10 -4.61 -15.72
CA GLY A 575 -2.85 -4.31 -16.92
C GLY A 575 -2.60 -2.91 -17.49
N GLN A 576 -3.32 -2.58 -18.56
CA GLN A 576 -3.19 -1.28 -19.17
C GLN A 576 -3.68 -0.09 -18.36
N VAL A 577 -2.83 0.92 -18.30
CA VAL A 577 -3.16 2.13 -17.64
C VAL A 577 -2.97 3.27 -18.63
N MET A 578 -4.02 4.08 -18.77
CA MET A 578 -4.03 5.24 -19.63
C MET A 578 -3.72 6.48 -18.81
N TYR A 579 -2.73 7.25 -19.28
CA TYR A 579 -2.27 8.44 -18.65
C TYR A 579 -2.51 9.62 -19.52
N GLU A 580 -2.68 10.76 -18.85
CA GLU A 580 -2.92 12.06 -19.42
C GLU A 580 -1.69 12.91 -19.07
N ILE A 581 -1.17 13.67 -20.04
CA ILE A 581 0.05 14.48 -19.83
C ILE A 581 -0.20 15.90 -19.40
N GLN A 582 -1.45 16.29 -19.24
CA GLN A 582 -1.67 17.64 -18.83
C GLN A 582 -0.84 17.97 -17.61
N ASP A 583 -0.11 19.07 -17.70
CA ASP A 583 0.76 19.61 -16.67
C ASP A 583 2.03 18.86 -16.33
N TRP A 584 2.36 17.78 -17.06
CA TRP A 584 3.59 17.06 -16.77
C TRP A 584 4.85 17.91 -16.80
N LEU A 585 5.02 18.85 -17.75
CA LEU A 585 6.25 19.64 -17.73
C LEU A 585 6.39 20.39 -16.42
N GLU A 586 5.29 20.98 -16.00
CA GLU A 586 5.27 21.76 -14.78
C GLU A 586 5.54 20.94 -13.56
N LYS A 587 4.88 19.77 -13.51
CA LYS A 587 5.05 18.83 -12.43
C LYS A 587 6.50 18.36 -12.31
N ASN A 588 7.18 18.23 -13.45
CA ASN A 588 8.56 17.74 -13.53
C ASN A 588 9.53 18.77 -13.06
N LYS A 589 9.17 20.03 -13.30
CA LYS A 589 10.05 21.11 -12.89
C LYS A 589 9.68 21.54 -11.50
N ASP A 590 8.39 21.58 -11.27
CA ASP A 590 7.91 21.98 -9.99
C ASP A 590 8.46 23.36 -9.60
N PRO A 591 8.27 24.31 -10.50
CA PRO A 591 8.74 25.67 -10.32
C PRO A 591 8.11 26.52 -9.24
N LEU A 592 8.98 27.40 -8.73
CA LEU A 592 8.67 28.42 -7.74
C LEU A 592 9.48 29.66 -8.10
N GLN A 593 8.80 30.79 -8.30
CA GLN A 593 9.47 32.03 -8.62
C GLN A 593 10.59 32.32 -7.60
N GLN A 594 11.75 32.63 -8.14
CA GLN A 594 12.90 32.94 -7.31
C GLN A 594 12.65 34.04 -6.31
N ASP A 595 12.06 35.14 -6.75
CA ASP A 595 11.82 36.20 -5.78
C ASP A 595 10.98 35.68 -4.66
N LEU A 596 10.18 34.65 -4.95
CA LEU A 596 9.37 34.10 -3.89
C LEU A 596 10.26 33.46 -2.84
N GLU A 597 11.24 32.76 -3.36
CA GLU A 597 12.22 32.13 -2.55
C GLU A 597 12.92 33.18 -1.73
N LEU A 598 13.33 34.25 -2.41
CA LEU A 598 14.00 35.35 -1.75
C LEU A 598 13.16 35.93 -0.61
N CYS A 599 11.90 36.29 -0.92
CA CYS A 599 10.97 36.83 0.07
C CYS A 599 11.06 36.05 1.36
N PHE A 600 10.88 34.75 1.23
CA PHE A 600 10.89 33.84 2.34
C PHE A 600 12.27 33.45 2.90
N LYS A 601 13.33 33.55 2.10
CA LYS A 601 14.65 33.20 2.61
C LYS A 601 14.99 34.07 3.82
N ASP A 602 14.43 35.29 3.80
CA ASP A 602 14.56 36.30 4.84
C ASP A 602 13.26 36.35 5.57
N SER A 603 13.18 35.60 6.65
CA SER A 603 11.94 35.61 7.36
C SER A 603 12.24 35.61 8.82
N SER A 604 11.51 36.48 9.52
CA SER A 604 11.67 36.56 10.95
C SER A 604 11.66 35.16 11.53
N ASP A 605 10.61 34.43 11.17
CA ASP A 605 10.41 33.07 11.61
C ASP A 605 11.60 32.17 11.42
N ASN A 606 11.92 31.53 12.53
CA ASN A 606 13.05 30.64 12.61
C ASN A 606 12.79 29.32 11.93
N VAL A 607 11.52 28.94 11.84
CA VAL A 607 11.22 27.69 11.17
C VAL A 607 11.21 27.96 9.68
N VAL A 608 10.63 29.10 9.33
CA VAL A 608 10.55 29.47 7.94
C VAL A 608 11.89 29.52 7.25
N THR A 609 12.82 30.17 7.89
CA THR A 609 14.15 30.32 7.35
C THR A 609 14.76 28.98 6.90
N LYS A 610 14.56 27.97 7.72
CA LYS A 610 15.05 26.64 7.45
C LYS A 610 14.54 26.08 6.14
N LEU A 611 13.21 26.14 5.99
CA LEU A 611 12.54 25.67 4.78
C LEU A 611 13.09 26.30 3.50
N PHE A 612 13.53 27.54 3.59
CA PHE A 612 14.05 28.15 2.41
C PHE A 612 15.52 28.22 2.46
N ASN A 613 16.10 28.04 3.63
CA ASN A 613 17.53 28.12 3.69
C ASN A 613 18.28 26.78 3.63
N ASP A 614 17.59 25.67 3.92
CA ASP A 614 18.26 24.38 3.91
C ASP A 614 18.20 23.55 2.61
N PRO A 615 19.28 23.59 1.85
CA PRO A 615 19.40 22.90 0.57
C PRO A 615 18.96 21.46 0.65
N ASN A 616 18.79 20.99 1.88
CA ASN A 616 18.40 19.63 2.07
C ASN A 616 16.90 19.51 2.01
N ILE A 617 16.32 20.67 2.22
CA ILE A 617 14.89 20.85 2.25
C ILE A 617 14.40 21.71 1.09
N ALA A 618 15.03 22.87 0.89
CA ALA A 618 14.62 23.80 -0.15
C ALA A 618 15.03 23.48 -1.58
N SER A 619 15.86 22.45 -1.79
CA SER A 619 16.35 22.12 -3.12
C SER A 619 16.38 20.61 -3.43
N ARG A 620 16.24 20.26 -4.71
CA ARG A 620 16.22 18.88 -5.13
C ARG A 620 17.59 18.22 -5.26
N ALA A 621 18.54 18.82 -5.99
CA ALA A 621 19.81 18.15 -6.17
C ALA A 621 21.03 19.02 -6.29
N PHE A 627 20.41 21.11 -10.72
CA PHE A 627 19.30 20.52 -9.95
C PHE A 627 18.58 19.46 -10.78
N ILE A 628 18.24 18.34 -10.15
CA ILE A 628 17.57 17.27 -10.84
C ILE A 628 16.06 17.52 -10.96
N THR A 629 15.41 16.76 -11.82
CA THR A 629 13.98 16.91 -11.97
C THR A 629 13.24 16.12 -10.91
N VAL A 630 11.92 16.29 -10.88
CA VAL A 630 11.08 15.54 -9.98
C VAL A 630 11.13 14.08 -10.40
N ALA A 631 11.07 13.80 -11.71
CA ALA A 631 11.18 12.41 -12.16
C ALA A 631 12.53 11.78 -11.86
N ALA A 632 13.59 12.56 -12.01
CA ALA A 632 14.95 12.09 -11.72
C ALA A 632 15.04 11.74 -10.23
N GLN A 633 14.50 12.61 -9.38
CA GLN A 633 14.53 12.38 -7.95
C GLN A 633 13.72 11.15 -7.53
N TYR A 634 12.60 10.99 -8.21
CA TYR A 634 11.76 9.85 -7.92
C TYR A 634 12.45 8.56 -8.30
N LYS A 635 13.12 8.53 -9.46
CA LYS A 635 13.80 7.30 -9.92
C LYS A 635 14.91 6.83 -8.94
N GLU A 636 15.58 7.85 -8.48
CA GLU A 636 16.66 7.80 -7.55
C GLU A 636 16.16 7.24 -6.22
N GLN A 637 15.15 7.91 -5.60
CA GLN A 637 14.62 7.38 -4.33
C GLN A 637 14.00 5.98 -4.51
N LEU A 638 13.46 5.69 -5.69
CA LEU A 638 12.96 4.37 -5.86
C LEU A 638 14.17 3.42 -5.89
N ALA A 639 15.29 3.84 -6.51
CA ALA A 639 16.46 2.98 -6.54
C ALA A 639 17.07 2.72 -5.15
N SER A 640 17.13 3.76 -4.30
CA SER A 640 17.63 3.63 -2.93
C SER A 640 16.77 2.67 -2.14
N LEU A 641 15.44 2.89 -2.19
CA LEU A 641 14.51 2.03 -1.51
C LEU A 641 14.76 0.55 -1.84
N MET A 642 14.87 0.20 -3.12
CA MET A 642 15.04 -1.18 -3.55
C MET A 642 16.30 -1.89 -3.10
N ALA A 643 17.36 -1.09 -3.08
CA ALA A 643 18.69 -1.54 -2.69
C ALA A 643 18.56 -2.05 -1.27
N THR A 644 17.97 -1.18 -0.45
CA THR A 644 17.72 -1.48 0.92
C THR A 644 16.97 -2.78 1.00
N LEU A 645 15.85 -2.82 0.30
CA LEU A 645 15.02 -4.01 0.30
C LEU A 645 15.83 -5.23 -0.07
N GLU A 646 16.71 -5.01 -1.02
CA GLU A 646 17.51 -6.09 -1.53
C GLU A 646 18.34 -6.70 -0.45
N THR A 647 18.66 -5.88 0.55
CA THR A 647 19.43 -6.40 1.65
C THR A 647 18.60 -7.03 2.76
N THR A 648 17.29 -7.20 2.57
CA THR A 648 16.50 -7.75 3.67
C THR A 648 15.86 -9.07 3.34
N ASN A 649 15.27 -9.69 4.39
CA ASN A 649 14.51 -10.88 4.13
C ASN A 649 13.07 -10.31 4.10
N PRO A 650 12.39 -10.35 2.99
CA PRO A 650 11.09 -9.71 2.94
C PRO A 650 9.86 -10.54 3.28
N HIS A 651 8.83 -9.78 3.64
CA HIS A 651 7.50 -10.28 3.97
C HIS A 651 6.47 -9.42 3.25
N PHE A 652 5.50 -10.08 2.65
CA PHE A 652 4.48 -9.40 1.85
C PHE A 652 3.07 -9.49 2.40
N VAL A 653 2.49 -8.34 2.64
CA VAL A 653 1.12 -8.26 3.11
C VAL A 653 0.24 -7.59 2.02
N ARG A 654 -0.80 -8.32 1.62
CA ARG A 654 -1.72 -7.79 0.62
C ARG A 654 -3.04 -7.34 1.24
N CYS A 655 -3.21 -6.03 1.47
CA CYS A 655 -4.45 -5.46 2.02
C CYS A 655 -5.51 -5.25 0.94
N ILE A 656 -6.69 -5.87 1.13
CA ILE A 656 -7.84 -5.86 0.21
C ILE A 656 -9.06 -5.15 0.76
N ILE A 657 -9.71 -4.32 -0.06
CA ILE A 657 -10.98 -3.69 0.33
C ILE A 657 -12.06 -4.69 -0.17
N PRO A 658 -13.06 -5.00 0.64
CA PRO A 658 -14.09 -5.97 0.24
C PRO A 658 -15.11 -5.45 -0.83
N ASN A 659 -15.25 -4.12 -0.88
CA ASN A 659 -16.13 -3.44 -1.79
C ASN A 659 -15.70 -2.00 -1.82
N ASN A 660 -16.39 -1.21 -2.62
CA ASN A 660 -16.07 0.22 -2.74
C ASN A 660 -16.98 1.12 -1.89
N LYS A 661 -17.82 0.50 -1.10
CA LYS A 661 -18.73 1.30 -0.32
C LYS A 661 -18.39 1.49 1.16
N GLN A 662 -17.27 0.96 1.67
CA GLN A 662 -16.96 1.15 3.07
C GLN A 662 -17.96 0.55 4.06
N LEU A 663 -18.58 -0.57 3.64
CA LEU A 663 -19.56 -1.34 4.42
C LEU A 663 -19.03 -2.72 4.84
N PRO A 664 -19.43 -3.20 6.01
CA PRO A 664 -19.02 -4.53 6.38
C PRO A 664 -20.04 -5.50 5.84
N ALA A 665 -19.68 -6.77 5.90
CA ALA A 665 -20.56 -7.83 5.49
C ALA A 665 -20.88 -7.80 4.01
N LYS A 666 -20.03 -7.13 3.28
CA LYS A 666 -20.26 -7.01 1.85
C LYS A 666 -19.00 -7.24 1.01
N LEU A 667 -18.68 -8.52 0.82
CA LEU A 667 -17.55 -8.98 0.08
C LEU A 667 -17.96 -9.29 -1.35
N GLU A 668 -17.65 -8.32 -2.22
CA GLU A 668 -17.96 -8.35 -3.64
C GLU A 668 -16.91 -9.03 -4.48
N ASP A 669 -17.31 -10.14 -5.09
CA ASP A 669 -16.43 -10.96 -5.90
C ASP A 669 -15.64 -10.22 -6.96
N LYS A 670 -16.29 -9.27 -7.61
CA LYS A 670 -15.59 -8.52 -8.64
C LYS A 670 -14.54 -7.63 -8.00
N VAL A 671 -14.95 -6.79 -7.04
CA VAL A 671 -14.02 -5.89 -6.34
C VAL A 671 -12.76 -6.61 -5.87
N VAL A 672 -13.01 -7.73 -5.27
CA VAL A 672 -11.98 -8.53 -4.70
C VAL A 672 -11.05 -9.16 -5.73
N LEU A 673 -11.59 -9.98 -6.61
CA LEU A 673 -10.78 -10.67 -7.61
C LEU A 673 -9.91 -9.73 -8.41
N ASP A 674 -10.49 -8.58 -8.67
CA ASP A 674 -9.75 -7.63 -9.41
C ASP A 674 -8.48 -7.31 -8.65
N GLN A 675 -8.61 -7.09 -7.34
CA GLN A 675 -7.43 -6.82 -6.52
C GLN A 675 -6.50 -8.03 -6.49
N LEU A 676 -7.07 -9.23 -6.46
CA LEU A 676 -6.27 -10.43 -6.41
C LEU A 676 -5.48 -10.60 -7.68
N ARG A 677 -6.09 -10.16 -8.76
CA ARG A 677 -5.47 -10.21 -10.07
C ARG A 677 -4.25 -9.28 -10.15
N CYS A 678 -4.47 -8.02 -9.73
CA CYS A 678 -3.49 -6.91 -9.73
C CYS A 678 -2.40 -6.98 -8.68
N ASN A 679 -2.64 -7.70 -7.62
CA ASN A 679 -1.63 -7.68 -6.59
C ASN A 679 -0.67 -8.84 -6.63
N GLY A 680 -0.76 -9.70 -7.65
CA GLY A 680 0.22 -10.77 -7.64
C GLY A 680 -0.15 -11.98 -6.85
N VAL A 681 -1.29 -11.92 -6.15
CA VAL A 681 -1.73 -13.07 -5.38
C VAL A 681 -2.15 -14.18 -6.33
N LEU A 682 -2.92 -13.81 -7.36
CA LEU A 682 -3.41 -14.75 -8.37
C LEU A 682 -2.31 -15.36 -9.26
N GLU A 683 -1.25 -14.60 -9.51
CA GLU A 683 -0.13 -15.05 -10.33
C GLU A 683 0.63 -16.11 -9.58
N GLY A 684 1.02 -15.77 -8.36
CA GLY A 684 1.80 -16.69 -7.57
C GLY A 684 1.14 -18.03 -7.45
N ILE A 685 -0.17 -17.98 -7.32
CA ILE A 685 -0.91 -19.21 -7.18
C ILE A 685 -0.69 -20.10 -8.40
N ARG A 686 -1.27 -19.68 -9.52
CA ARG A 686 -1.16 -20.38 -10.79
C ARG A 686 0.26 -20.78 -11.06
N ILE A 687 1.18 -20.02 -10.45
CA ILE A 687 2.60 -20.25 -10.63
C ILE A 687 3.06 -21.51 -9.93
N THR A 688 2.69 -21.62 -8.68
CA THR A 688 3.10 -22.84 -8.04
C THR A 688 2.18 -23.93 -8.57
N ARG A 689 0.95 -23.46 -8.89
CA ARG A 689 -0.12 -24.27 -9.46
C ARG A 689 0.50 -25.28 -10.41
N LYS A 690 1.45 -24.75 -11.16
CA LYS A 690 2.16 -25.56 -12.10
C LYS A 690 2.85 -26.74 -11.41
N GLY A 691 3.63 -26.48 -10.38
CA GLY A 691 4.37 -27.59 -9.79
C GLY A 691 3.65 -28.58 -8.88
N PHE A 692 4.22 -28.56 -7.70
CA PHE A 692 3.84 -29.34 -6.56
C PHE A 692 3.70 -28.33 -5.42
N PRO A 693 2.43 -27.88 -5.25
CA PRO A 693 1.98 -26.93 -4.24
C PRO A 693 1.74 -27.68 -2.95
N ASN A 694 0.80 -28.63 -3.04
CA ASN A 694 0.51 -29.47 -1.91
C ASN A 694 1.79 -30.29 -1.75
N ARG A 695 2.44 -30.14 -0.60
CA ARG A 695 3.66 -30.82 -0.28
C ARG A 695 3.57 -31.14 1.19
N ILE A 696 2.65 -32.05 1.48
CA ILE A 696 2.32 -32.44 2.84
C ILE A 696 3.37 -33.20 3.65
N ILE A 697 3.08 -33.26 4.94
CA ILE A 697 3.90 -33.95 5.91
C ILE A 697 3.40 -35.37 6.06
N TYR A 698 4.36 -36.28 6.04
CA TYR A 698 4.19 -37.73 6.16
C TYR A 698 3.34 -38.18 7.33
N ALA A 699 3.72 -37.70 8.52
CA ALA A 699 3.02 -38.04 9.73
C ALA A 699 1.63 -37.39 9.74
N ASP A 700 1.51 -36.40 8.83
CA ASP A 700 0.33 -35.57 8.62
C ASP A 700 -0.72 -36.13 7.64
N PHE A 701 -0.29 -37.02 6.74
CA PHE A 701 -1.16 -37.66 5.74
C PHE A 701 -1.77 -38.94 6.29
N VAL A 702 -0.89 -39.79 6.82
CA VAL A 702 -1.28 -41.06 7.39
C VAL A 702 -2.27 -40.81 8.50
N LYS A 703 -2.11 -39.69 9.19
CA LYS A 703 -3.05 -39.30 10.21
C LYS A 703 -4.46 -39.29 9.63
N ARG A 704 -4.73 -38.28 8.80
CA ARG A 704 -6.04 -38.15 8.17
C ARG A 704 -6.28 -39.22 7.12
N TYR A 705 -5.27 -40.04 6.83
CA TYR A 705 -5.45 -41.05 5.79
C TYR A 705 -4.82 -42.42 6.01
N TYR A 706 -5.06 -43.00 7.20
CA TYR A 706 -4.58 -44.32 7.62
C TYR A 706 -5.70 -45.35 7.40
N LEU A 707 -6.94 -44.83 7.50
CA LEU A 707 -8.19 -45.56 7.36
C LEU A 707 -8.56 -45.90 5.92
N LEU A 708 -8.30 -44.98 4.99
CA LEU A 708 -8.58 -45.17 3.57
C LEU A 708 -7.64 -46.21 2.94
N ALA A 709 -6.88 -46.86 3.82
CA ALA A 709 -5.92 -47.89 3.47
C ALA A 709 -6.01 -49.03 4.46
N PRO A 710 -6.31 -50.21 3.90
CA PRO A 710 -6.44 -51.46 4.64
C PRO A 710 -5.07 -51.99 5.03
N ASN A 711 -4.39 -51.24 5.90
CA ASN A 711 -3.05 -51.59 6.35
C ASN A 711 -2.56 -50.67 7.46
N VAL A 712 -2.51 -49.38 7.09
CA VAL A 712 -2.06 -48.21 7.85
C VAL A 712 -2.85 -47.81 9.09
N PRO A 713 -2.10 -47.51 10.14
CA PRO A 713 -2.67 -47.09 11.39
C PRO A 713 -2.16 -45.68 11.73
N ARG A 714 -2.88 -45.03 12.64
CA ARG A 714 -2.59 -43.65 13.00
C ARG A 714 -1.10 -43.35 13.21
N ASP A 715 -0.79 -42.75 14.37
CA ASP A 715 0.58 -42.34 14.72
C ASP A 715 1.60 -43.48 14.87
N ALA A 716 2.34 -43.69 13.76
CA ALA A 716 3.39 -44.70 13.65
C ALA A 716 4.77 -44.07 13.48
N GLU A 717 5.76 -44.96 13.35
CA GLU A 717 7.15 -44.59 13.18
C GLU A 717 7.61 -44.53 11.72
N ASP A 718 7.40 -45.63 10.97
CA ASP A 718 7.81 -45.77 9.57
C ASP A 718 7.05 -44.90 8.53
N SER A 719 6.48 -43.76 8.96
CA SER A 719 5.69 -42.81 8.14
C SER A 719 5.80 -42.75 6.61
N GLN A 720 6.88 -42.18 6.04
CA GLN A 720 7.01 -42.06 4.59
C GLN A 720 6.73 -43.35 3.87
N LYS A 721 6.86 -44.41 4.66
CA LYS A 721 6.56 -45.75 4.19
C LYS A 721 5.04 -45.81 4.22
N ALA A 722 4.52 -45.51 5.41
CA ALA A 722 3.09 -45.49 5.62
C ALA A 722 2.45 -44.70 4.50
N THR A 723 3.12 -43.58 4.13
CA THR A 723 2.65 -42.73 3.04
C THR A 723 2.52 -43.56 1.77
N ASP A 724 3.55 -44.36 1.51
CA ASP A 724 3.59 -45.26 0.35
C ASP A 724 2.31 -46.08 0.27
N ALA A 725 1.86 -46.53 1.46
CA ALA A 725 0.68 -47.36 1.62
C ALA A 725 -0.56 -46.83 0.92
N VAL A 726 -1.18 -45.84 1.55
CA VAL A 726 -2.38 -45.26 0.99
C VAL A 726 -2.26 -45.04 -0.51
N LEU A 727 -1.12 -44.51 -0.93
CA LEU A 727 -0.91 -44.31 -2.35
C LEU A 727 -1.08 -45.63 -3.05
N LYS A 728 -0.54 -46.66 -2.41
CA LYS A 728 -0.63 -48.01 -2.88
C LYS A 728 -2.07 -48.47 -2.83
N HIS A 729 -2.67 -48.46 -1.61
CA HIS A 729 -4.06 -48.86 -1.43
C HIS A 729 -4.93 -48.10 -2.42
N LEU A 730 -4.62 -46.81 -2.53
CA LEU A 730 -5.34 -45.95 -3.44
C LEU A 730 -4.86 -46.13 -4.86
N ASN A 731 -3.77 -46.92 -4.97
CA ASN A 731 -3.06 -47.27 -6.20
C ASN A 731 -2.98 -46.07 -7.17
N ILE A 732 -2.22 -45.03 -6.75
CA ILE A 732 -2.04 -43.79 -7.52
C ILE A 732 -0.86 -43.83 -8.51
N ASP A 733 -0.83 -42.84 -9.49
CA ASP A 733 0.16 -42.64 -10.58
C ASP A 733 1.35 -41.77 -10.20
N PRO A 734 2.57 -42.14 -10.70
CA PRO A 734 3.82 -41.42 -10.42
C PRO A 734 3.91 -39.90 -10.58
N GLU A 735 2.96 -39.29 -11.23
CA GLU A 735 3.08 -37.86 -11.30
C GLU A 735 2.22 -37.00 -10.37
N GLN A 736 0.99 -37.45 -10.11
CA GLN A 736 0.15 -36.65 -9.20
C GLN A 736 0.80 -36.39 -7.85
N TYR A 737 1.78 -37.24 -7.56
CA TYR A 737 2.53 -37.13 -6.34
C TYR A 737 4.02 -37.20 -6.55
N ARG A 738 4.77 -36.83 -5.47
CA ARG A 738 6.25 -36.76 -5.40
C ARG A 738 6.84 -37.04 -4.01
N PHE A 739 7.80 -37.99 -3.89
CA PHE A 739 8.48 -38.30 -2.59
C PHE A 739 9.68 -37.35 -2.31
N GLY A 740 9.49 -36.43 -1.35
CA GLY A 740 10.53 -35.46 -0.98
C GLY A 740 10.84 -35.41 0.50
N ILE A 741 11.89 -36.16 0.83
CA ILE A 741 12.51 -36.29 2.15
C ILE A 741 11.70 -36.07 3.40
N THR A 742 10.96 -34.99 3.39
CA THR A 742 10.19 -34.54 4.51
C THR A 742 8.69 -34.57 4.27
N LYS A 743 8.33 -34.02 3.11
CA LYS A 743 6.96 -33.88 2.66
C LYS A 743 6.65 -34.70 1.45
N ILE A 744 5.35 -34.95 1.28
CA ILE A 744 4.89 -35.64 0.10
C ILE A 744 4.28 -34.55 -0.77
N PHE A 745 4.97 -34.30 -1.86
CA PHE A 745 4.57 -33.28 -2.78
C PHE A 745 3.44 -33.81 -3.62
N PHE A 746 2.40 -33.01 -3.67
CA PHE A 746 1.23 -33.35 -4.42
C PHE A 746 0.88 -32.26 -5.37
N ARG A 747 0.58 -32.70 -6.58
CA ARG A 747 0.16 -31.78 -7.58
C ARG A 747 -1.29 -31.38 -7.26
N ALA A 748 -1.87 -30.58 -8.14
CA ALA A 748 -3.23 -30.10 -7.95
C ALA A 748 -4.32 -31.18 -8.13
N GLY A 749 -5.30 -31.18 -7.21
CA GLY A 749 -6.42 -32.11 -7.24
C GLY A 749 -6.06 -33.51 -6.78
N GLN A 750 -4.77 -33.71 -6.58
CA GLN A 750 -4.26 -35.00 -6.12
C GLN A 750 -4.93 -35.28 -4.78
N LEU A 751 -4.80 -34.27 -3.93
CA LEU A 751 -5.32 -34.23 -2.58
C LEU A 751 -6.84 -34.28 -2.54
N ALA A 752 -7.44 -33.65 -3.54
CA ALA A 752 -8.87 -33.65 -3.58
C ALA A 752 -9.31 -35.09 -3.75
N ARG A 753 -8.99 -35.63 -4.92
CA ARG A 753 -9.32 -37.00 -5.26
C ARG A 753 -9.03 -37.91 -4.09
N ILE A 754 -7.79 -37.85 -3.64
CA ILE A 754 -7.33 -38.64 -2.52
C ILE A 754 -8.33 -38.61 -1.37
N GLU A 755 -8.39 -37.47 -0.66
CA GLU A 755 -9.32 -37.26 0.45
C GLU A 755 -10.75 -37.73 0.06
N GLU A 756 -10.99 -37.71 -1.26
CA GLU A 756 -12.25 -38.10 -1.88
C GLU A 756 -12.48 -39.60 -1.93
N ALA A 757 -11.68 -40.39 -1.21
CA ALA A 757 -11.89 -41.84 -1.25
C ALA A 757 -12.63 -42.32 0.01
N ARG A 758 -12.94 -43.63 0.03
CA ARG A 758 -13.66 -44.29 1.14
C ARG A 758 -12.75 -44.69 2.31
N GLU A 759 -13.38 -45.20 3.39
CA GLU A 759 -12.66 -45.63 4.57
C GLU A 759 -12.29 -47.12 4.46
#